data_6A22
#
_entry.id   6A22
#
_cell.length_a   77.926
_cell.length_b   73.277
_cell.length_c   100.204
_cell.angle_alpha   90.00
_cell.angle_beta   89.99
_cell.angle_gamma   90.00
#
_symmetry.space_group_name_H-M   'P 1 21 1'
#
loop_
_entity.id
_entity.type
_entity.pdbx_description
1 polymer 'Nuclear receptor ROR-gamma'
2 polymer 'Nuclear receptor corepressor 2'
3 non-polymer 2-[2-[1-~{tert}-butyl-5-(4-methoxyphenyl)pyrazol-4-yl]-1,3-thiazol-4-yl]-~{N}-(oxan-4-ylmethyl)ethanamide
4 water water
#
loop_
_entity_poly.entity_id
_entity_poly.type
_entity_poly.pdbx_seq_one_letter_code
_entity_poly.pdbx_strand_id
1 'polypeptide(L)'
;EAPYASLTEIEHLVQSVCKSYRETCQLRLEDLLRQRSNIFSREEVTGYQRKSMWEMWERCAHHLTEAIQYVVEFAKRLSG
FMELCQNDQIVLLKAGAMEVVLVRMCRAYNADNRTVFFEGKYGGMELFRALGCSELISSIFDFSHSLSALHFSEDEIALY
TALVLINAHRPGLQEKRKVEQLQYNLELAFHHHLCKTHRQSILAKLPPAGKLASLCSQHVERLQIFQHLHPIVVQAAFPP
LYKELFSTETESPVGLSK
;
A,C,E,G
2 'polypeptide(L)' TNMGLEAIIRKALMGKYDQWEE B,D,F,H
#
loop_
_chem_comp.id
_chem_comp.type
_chem_comp.name
_chem_comp.formula
9P6 non-polymer 2-[2-[1-~{tert}-butyl-5-(4-methoxyphenyl)pyrazol-4-yl]-1,3-thiazol-4-yl]-~{N}-(oxan-4-ylmethyl)ethanamide 'C25 H32 N4 O3 S'
#
# COMPACT_ATOMS: atom_id res chain seq x y z
N PRO A 3 -25.33 -38.30 21.64
CA PRO A 3 -23.97 -38.06 21.16
C PRO A 3 -23.32 -39.38 20.80
N TYR A 4 -23.47 -39.76 19.52
CA TYR A 4 -22.66 -40.81 18.88
C TYR A 4 -21.42 -40.20 18.18
N ALA A 5 -21.53 -38.95 17.71
CA ALA A 5 -20.40 -38.28 17.06
C ALA A 5 -19.21 -38.09 18.04
N SER A 6 -18.00 -38.41 17.57
CA SER A 6 -16.75 -38.32 18.36
C SER A 6 -16.38 -36.86 18.68
N LEU A 7 -15.75 -36.61 19.85
CA LEU A 7 -15.51 -35.24 20.35
C LEU A 7 -14.69 -34.37 19.39
N THR A 8 -13.68 -34.97 18.78
CA THR A 8 -12.84 -34.26 17.83
C THR A 8 -13.62 -33.82 16.57
N GLU A 9 -14.52 -34.66 16.08
CA GLU A 9 -15.30 -34.33 14.89
C GLU A 9 -16.19 -33.09 15.12
N ILE A 10 -16.86 -33.02 16.26
CA ILE A 10 -17.67 -31.83 16.63
C ILE A 10 -16.85 -30.56 16.81
N GLU A 11 -15.66 -30.66 17.40
CA GLU A 11 -14.79 -29.48 17.55
C GLU A 11 -14.43 -28.87 16.18
N HIS A 12 -14.17 -29.72 15.20
CA HIS A 12 -13.95 -29.22 13.83
C HIS A 12 -15.17 -28.52 13.28
N LEU A 13 -16.37 -29.07 13.49
CA LEU A 13 -17.61 -28.46 12.94
C LEU A 13 -17.80 -27.06 13.50
N VAL A 14 -17.48 -26.87 14.78
CA VAL A 14 -17.49 -25.53 15.35
C VAL A 14 -16.57 -24.63 14.56
N GLN A 15 -15.33 -25.08 14.34
CA GLN A 15 -14.34 -24.25 13.67
C GLN A 15 -14.73 -23.95 12.24
N SER A 16 -15.31 -24.93 11.54
CA SER A 16 -15.67 -24.74 10.13
C SER A 16 -16.76 -23.66 10.03
N VAL A 17 -17.77 -23.75 10.90
CA VAL A 17 -18.90 -22.78 10.94
C VAL A 17 -18.38 -21.38 11.26
N CYS A 18 -17.47 -21.25 12.23
N CYS A 18 -17.47 -21.25 12.23
CA CYS A 18 -16.91 -19.93 12.56
CA CYS A 18 -16.92 -19.93 12.56
C CYS A 18 -16.15 -19.31 11.41
C CYS A 18 -16.15 -19.31 11.41
N LYS A 19 -15.34 -20.12 10.73
CA LYS A 19 -14.60 -19.65 9.55
C LYS A 19 -15.60 -19.06 8.57
N SER A 20 -16.67 -19.80 8.25
CA SER A 20 -17.68 -19.34 7.30
C SER A 20 -18.32 -18.02 7.70
N TYR A 21 -18.65 -17.86 8.98
CA TYR A 21 -19.20 -16.57 9.46
C TYR A 21 -18.18 -15.44 9.28
N ARG A 22 -16.96 -15.63 9.79
CA ARG A 22 -15.94 -14.55 9.73
C ARG A 22 -15.63 -14.16 8.30
N GLU A 23 -15.34 -15.15 7.44
CA GLU A 23 -15.11 -14.90 6.00
C GLU A 23 -16.23 -14.11 5.37
N THR A 24 -17.47 -14.38 5.76
CA THR A 24 -18.63 -13.76 5.11
C THR A 24 -19.28 -12.57 5.83
N CYS A 25 -18.74 -12.08 6.94
CA CYS A 25 -19.21 -10.79 7.47
C CYS A 25 -18.81 -9.70 6.50
N GLN A 26 -19.62 -8.65 6.43
CA GLN A 26 -19.29 -7.48 5.57
C GLN A 26 -18.03 -6.82 6.16
N LEU A 27 -17.98 -6.71 7.49
CA LEU A 27 -16.83 -6.13 8.23
C LEU A 27 -16.46 -7.04 9.40
N ARG A 28 -15.16 -7.23 9.65
CA ARG A 28 -14.68 -8.08 10.78
C ARG A 28 -15.14 -7.43 12.09
N LEU A 29 -15.52 -8.23 13.09
CA LEU A 29 -15.97 -7.62 14.36
C LEU A 29 -14.89 -6.75 14.97
N GLU A 30 -13.66 -7.21 14.94
CA GLU A 30 -12.53 -6.50 15.55
C GLU A 30 -12.43 -5.07 14.97
N ASP A 31 -12.56 -4.93 13.65
CA ASP A 31 -12.57 -3.61 13.03
C ASP A 31 -13.74 -2.76 13.51
N LEU A 32 -14.91 -3.38 13.69
CA LEU A 32 -16.10 -2.68 14.19
C LEU A 32 -15.86 -2.08 15.56
N LEU A 33 -15.29 -2.86 16.48
CA LEU A 33 -15.01 -2.34 17.81
C LEU A 33 -13.99 -1.17 17.75
N ARG A 34 -13.00 -1.27 16.85
CA ARG A 34 -11.96 -0.23 16.67
C ARG A 34 -12.54 1.05 16.05
N GLN A 35 -13.66 0.93 15.34
CA GLN A 35 -14.33 2.09 14.68
C GLN A 35 -15.31 2.79 15.63
N ARG A 36 -15.49 2.33 16.86
CA ARG A 36 -16.45 2.93 17.82
C ARG A 36 -16.12 4.39 18.11
N SER A 37 -14.84 4.77 18.03
CA SER A 37 -14.40 6.20 18.29
C SER A 37 -14.98 7.19 17.40
N ASN A 38 -15.15 6.87 16.12
CA ASN A 38 -15.70 7.87 15.16
C ASN A 38 -17.23 7.77 15.14
N ILE A 39 -17.89 8.88 15.49
CA ILE A 39 -19.39 8.95 15.54
C ILE A 39 -19.84 10.09 14.61
N PHE A 40 -20.93 9.89 13.88
CA PHE A 40 -21.45 10.93 12.96
C PHE A 40 -21.62 12.23 13.75
N SER A 41 -21.20 13.32 13.14
CA SER A 41 -21.26 14.64 13.74
C SER A 41 -22.70 15.13 13.69
N ARG A 42 -23.12 15.99 14.62
CA ARG A 42 -24.51 16.50 14.63
C ARG A 42 -24.95 17.04 13.28
N GLU A 43 -24.03 17.60 12.51
CA GLU A 43 -24.34 18.10 11.16
C GLU A 43 -24.63 16.95 10.21
N GLU A 44 -23.80 15.91 10.28
CA GLU A 44 -24.04 14.68 9.48
C GLU A 44 -25.40 14.03 9.80
N VAL A 45 -25.77 13.99 11.08
CA VAL A 45 -27.04 13.41 11.51
C VAL A 45 -28.20 14.16 10.89
N THR A 46 -28.23 15.48 11.08
CA THR A 46 -29.28 16.32 10.47
C THR A 46 -29.33 16.10 8.96
N GLY A 47 -28.16 15.93 8.32
CA GLY A 47 -28.09 15.60 6.89
C GLY A 47 -28.97 14.42 6.54
N TYR A 48 -28.80 13.31 7.30
CA TYR A 48 -29.66 12.12 7.10
C TYR A 48 -31.14 12.44 7.37
N GLN A 49 -31.44 13.22 8.42
CA GLN A 49 -32.84 13.57 8.74
C GLN A 49 -33.53 14.40 7.66
N ARG A 50 -32.77 15.21 6.93
CA ARG A 50 -33.33 16.03 5.86
C ARG A 50 -33.86 15.21 4.67
N LYS A 51 -33.31 14.01 4.48
CA LYS A 51 -33.71 13.14 3.38
C LYS A 51 -35.17 12.72 3.43
N SER A 52 -35.76 12.58 2.24
CA SER A 52 -37.15 12.16 2.09
C SER A 52 -37.35 10.73 2.51
N MET A 53 -38.51 10.42 3.06
CA MET A 53 -38.83 9.06 3.47
C MET A 53 -38.36 8.06 2.43
N TRP A 54 -38.73 8.25 1.19
CA TRP A 54 -38.36 7.33 0.13
C TRP A 54 -36.86 7.22 0.00
N GLU A 55 -36.16 8.35 0.04
CA GLU A 55 -34.71 8.35 -0.14
C GLU A 55 -33.96 7.56 0.93
N MET A 56 -34.37 7.73 2.19
CA MET A 56 -33.76 7.00 3.28
C MET A 56 -34.16 5.52 3.26
N TRP A 57 -35.43 5.22 2.95
CA TRP A 57 -35.83 3.80 2.75
C TRP A 57 -35.09 3.18 1.53
N GLU A 58 -34.93 3.96 0.47
CA GLU A 58 -34.28 3.40 -0.74
C GLU A 58 -32.80 2.98 -0.38
N ARG A 59 -32.11 3.86 0.36
CA ARG A 59 -30.72 3.57 0.82
C ARG A 59 -30.66 2.35 1.79
N CYS A 60 -31.56 2.39 2.77
CA CYS A 60 -31.61 1.31 3.81
C CYS A 60 -32.01 -0.04 3.14
N ALA A 61 -32.94 0.01 2.19
CA ALA A 61 -33.35 -1.27 1.59
C ALA A 61 -32.24 -1.87 0.73
N HIS A 62 -31.49 -1.05 0.02
CA HIS A 62 -30.33 -1.55 -0.73
C HIS A 62 -29.36 -2.19 0.23
N HIS A 63 -29.20 -1.62 1.42
CA HIS A 63 -28.23 -2.17 2.37
C HIS A 63 -28.72 -3.51 2.91
N LEU A 64 -30.03 -3.63 3.10
CA LEU A 64 -30.60 -4.91 3.54
C LEU A 64 -30.34 -5.97 2.45
N THR A 65 -30.56 -5.61 1.19
CA THR A 65 -30.34 -6.57 0.09
C THR A 65 -28.87 -6.95 -0.12
N GLU A 66 -27.97 -5.97 -0.04
CA GLU A 66 -26.53 -6.28 -0.04
C GLU A 66 -26.21 -7.30 1.03
N ALA A 67 -26.69 -7.07 2.24
CA ALA A 67 -26.38 -7.97 3.34
C ALA A 67 -26.94 -9.36 3.11
N ILE A 68 -28.19 -9.45 2.65
CA ILE A 68 -28.80 -10.74 2.30
C ILE A 68 -27.81 -11.53 1.43
N GLN A 69 -27.21 -10.85 0.47
CA GLN A 69 -26.30 -11.55 -0.48
C GLN A 69 -25.13 -12.19 0.29
N TYR A 70 -24.59 -11.45 1.24
CA TYR A 70 -23.53 -12.02 2.06
C TYR A 70 -24.07 -13.18 2.90
N VAL A 71 -25.32 -13.10 3.34
CA VAL A 71 -25.90 -14.25 4.11
C VAL A 71 -26.01 -15.51 3.24
N VAL A 72 -26.39 -15.35 1.99
CA VAL A 72 -26.44 -16.51 1.08
C VAL A 72 -25.06 -17.17 0.97
N GLU A 73 -24.01 -16.39 0.91
CA GLU A 73 -22.67 -16.95 0.93
C GLU A 73 -22.41 -17.74 2.22
N PHE A 74 -22.83 -17.21 3.35
CA PHE A 74 -22.69 -17.92 4.63
C PHE A 74 -23.32 -19.30 4.49
N ALA A 75 -24.53 -19.35 3.97
CA ALA A 75 -25.21 -20.62 3.80
C ALA A 75 -24.44 -21.60 2.90
N LYS A 76 -23.84 -21.11 1.84
CA LYS A 76 -23.14 -21.98 0.91
C LYS A 76 -22.01 -22.70 1.65
N ARG A 77 -21.36 -21.99 2.55
CA ARG A 77 -20.25 -22.54 3.32
C ARG A 77 -20.61 -23.61 4.37
N LEU A 78 -21.88 -23.73 4.73
CA LEU A 78 -22.32 -24.74 5.70
C LEU A 78 -22.01 -26.12 5.12
N SER A 79 -21.56 -27.06 5.95
CA SER A 79 -21.09 -28.36 5.37
C SER A 79 -22.10 -29.05 4.36
N GLY A 80 -23.38 -29.13 4.75
CA GLY A 80 -24.44 -29.79 3.98
C GLY A 80 -25.38 -28.92 3.13
N PHE A 81 -25.15 -27.61 3.10
CA PHE A 81 -26.14 -26.74 2.36
C PHE A 81 -26.18 -27.05 0.83
N MET A 82 -25.01 -27.23 0.24
CA MET A 82 -24.94 -27.47 -1.22
C MET A 82 -25.62 -28.78 -1.64
N GLU A 83 -25.44 -29.83 -0.84
CA GLU A 83 -26.12 -31.13 -1.07
C GLU A 83 -27.67 -31.08 -1.11
N LEU A 84 -28.30 -30.08 -0.50
CA LEU A 84 -29.77 -29.97 -0.49
C LEU A 84 -30.28 -29.55 -1.85
N CYS A 85 -31.48 -30.02 -2.22
CA CYS A 85 -32.04 -29.62 -3.50
C CYS A 85 -32.34 -28.13 -3.53
N GLN A 86 -32.21 -27.51 -4.71
CA GLN A 86 -32.34 -26.07 -4.79
C GLN A 86 -33.66 -25.55 -4.22
N ASN A 87 -34.76 -26.29 -4.36
CA ASN A 87 -36.02 -25.91 -3.69
C ASN A 87 -35.79 -25.65 -2.19
N ASP A 88 -35.12 -26.59 -1.53
CA ASP A 88 -34.88 -26.50 -0.09
C ASP A 88 -33.91 -25.36 0.23
N GLN A 89 -32.83 -25.26 -0.55
CA GLN A 89 -31.88 -24.15 -0.38
C GLN A 89 -32.61 -22.80 -0.42
N ILE A 90 -33.51 -22.62 -1.38
CA ILE A 90 -34.28 -21.37 -1.49
C ILE A 90 -35.27 -21.23 -0.34
N VAL A 91 -35.95 -22.32 0.04
CA VAL A 91 -36.96 -22.22 1.11
C VAL A 91 -36.31 -21.75 2.40
N LEU A 92 -35.17 -22.32 2.76
CA LEU A 92 -34.52 -21.98 4.01
C LEU A 92 -34.07 -20.50 3.98
N LEU A 93 -33.45 -20.07 2.90
CA LEU A 93 -33.07 -18.67 2.78
C LEU A 93 -34.25 -17.67 2.79
N LYS A 94 -35.40 -17.99 2.19
CA LYS A 94 -36.55 -17.07 2.27
C LYS A 94 -36.99 -16.82 3.69
N ALA A 95 -37.06 -17.90 4.49
CA ALA A 95 -37.61 -17.80 5.84
C ALA A 95 -36.62 -17.16 6.82
N GLY A 96 -35.34 -17.48 6.66
CA GLY A 96 -34.34 -17.17 7.67
C GLY A 96 -33.31 -16.14 7.33
N ALA A 97 -33.11 -15.86 6.05
CA ALA A 97 -31.97 -15.05 5.72
C ALA A 97 -32.11 -13.60 6.26
N MET A 98 -33.31 -13.04 6.23
CA MET A 98 -33.48 -11.72 6.81
C MET A 98 -33.23 -11.70 8.31
N GLU A 99 -33.67 -12.73 9.04
CA GLU A 99 -33.40 -12.79 10.48
C GLU A 99 -31.93 -12.77 10.77
N VAL A 100 -31.11 -13.47 9.96
CA VAL A 100 -29.66 -13.43 10.16
C VAL A 100 -29.22 -12.02 9.94
N VAL A 101 -29.73 -11.37 8.91
CA VAL A 101 -29.27 -10.00 8.58
C VAL A 101 -29.44 -9.09 9.79
N LEU A 102 -30.62 -9.11 10.39
CA LEU A 102 -30.84 -8.24 11.56
C LEU A 102 -29.87 -8.59 12.62
N VAL A 103 -29.60 -9.87 12.83
CA VAL A 103 -28.62 -10.24 13.89
C VAL A 103 -27.23 -9.65 13.57
N ARG A 104 -26.78 -9.74 12.32
CA ARG A 104 -25.44 -9.26 11.89
C ARG A 104 -25.32 -7.73 11.98
N MET A 105 -26.37 -7.00 11.63
CA MET A 105 -26.37 -5.50 11.67
C MET A 105 -26.49 -5.05 13.12
N CYS A 106 -27.36 -5.71 13.89
CA CYS A 106 -27.52 -5.37 15.32
C CYS A 106 -26.26 -5.77 16.08
N ARG A 107 -25.45 -6.67 15.50
CA ARG A 107 -24.17 -7.12 16.10
C ARG A 107 -23.21 -5.92 16.13
N ALA A 108 -23.25 -5.08 15.08
CA ALA A 108 -22.41 -3.86 15.01
C ALA A 108 -23.13 -2.73 15.76
N TYR A 109 -23.17 -2.83 17.09
CA TYR A 109 -23.85 -1.87 17.99
C TYR A 109 -22.97 -1.64 19.22
N ASN A 110 -23.09 -0.47 19.82
CA ASN A 110 -22.31 -0.04 21.00
C ASN A 110 -23.31 0.34 22.09
N ALA A 111 -23.38 -0.47 23.14
CA ALA A 111 -24.32 -0.26 24.25
C ALA A 111 -24.04 0.97 25.12
N ASP A 112 -22.77 1.36 25.22
CA ASP A 112 -22.35 2.50 26.06
C ASP A 112 -23.05 3.79 25.67
N ASN A 113 -23.09 4.06 24.36
CA ASN A 113 -23.79 5.24 23.78
C ASN A 113 -24.97 4.90 22.86
N ARG A 114 -25.53 3.70 22.98
CA ARG A 114 -26.70 3.27 22.17
C ARG A 114 -26.64 3.64 20.66
N THR A 115 -25.55 3.32 19.98
CA THR A 115 -25.34 3.68 18.56
C THR A 115 -25.05 2.44 17.71
N VAL A 116 -25.32 2.54 16.40
CA VAL A 116 -25.14 1.40 15.46
C VAL A 116 -24.16 1.75 14.35
N PHE A 117 -23.28 0.85 13.93
CA PHE A 117 -22.41 1.12 12.74
C PHE A 117 -23.28 1.21 11.53
N PHE A 118 -23.26 2.36 10.84
CA PHE A 118 -24.12 2.57 9.67
C PHE A 118 -23.39 3.41 8.64
N GLU A 119 -23.13 2.83 7.46
CA GLU A 119 -22.46 3.58 6.39
C GLU A 119 -21.20 4.27 6.88
N GLY A 120 -20.29 3.54 7.51
CA GLY A 120 -18.92 4.03 7.74
C GLY A 120 -18.61 4.61 9.10
N LYS A 121 -19.64 5.05 9.81
CA LYS A 121 -19.50 5.67 11.17
C LYS A 121 -20.66 5.22 12.08
N TYR A 122 -20.48 5.29 13.39
CA TYR A 122 -21.54 4.95 14.35
C TYR A 122 -22.53 6.12 14.49
N GLY A 123 -23.84 5.82 14.51
CA GLY A 123 -24.84 6.83 14.82
C GLY A 123 -26.00 6.28 15.63
N GLY A 124 -26.81 7.18 16.21
CA GLY A 124 -27.83 6.76 17.18
C GLY A 124 -29.15 6.55 16.49
N MET A 125 -30.19 6.30 17.27
CA MET A 125 -31.54 6.08 16.73
C MET A 125 -32.04 7.28 15.93
N GLU A 126 -31.71 8.50 16.38
CA GLU A 126 -32.08 9.74 15.69
C GLU A 126 -31.64 9.79 14.23
N LEU A 127 -30.57 9.07 13.88
CA LEU A 127 -30.08 9.03 12.49
C LEU A 127 -31.15 8.53 11.50
N PHE A 128 -32.06 7.68 11.97
CA PHE A 128 -33.08 7.05 11.14
C PHE A 128 -34.46 7.72 11.13
N ARG A 129 -34.59 8.96 11.64
CA ARG A 129 -35.91 9.64 11.69
C ARG A 129 -36.62 9.71 10.31
N ALA A 130 -35.86 9.88 9.24
CA ALA A 130 -36.46 9.97 7.91
C ALA A 130 -37.29 8.72 7.52
N LEU A 131 -36.92 7.54 8.01
CA LEU A 131 -37.72 6.31 7.73
C LEU A 131 -39.16 6.40 8.21
N GLY A 132 -39.40 7.14 9.28
CA GLY A 132 -40.76 7.43 9.72
C GLY A 132 -41.53 6.25 10.28
N CYS A 133 -40.83 5.22 10.78
CA CYS A 133 -41.47 4.08 11.45
C CYS A 133 -40.88 3.95 12.84
N SER A 134 -41.01 4.98 13.65
CA SER A 134 -40.33 4.99 14.96
C SER A 134 -40.65 3.78 15.84
N GLU A 135 -41.88 3.25 15.78
CA GLU A 135 -42.18 2.03 16.53
C GLU A 135 -41.26 0.89 16.08
N LEU A 136 -41.02 0.76 14.79
CA LEU A 136 -40.11 -0.31 14.31
C LEU A 136 -38.66 -0.01 14.67
N ILE A 137 -38.24 1.22 14.46
CA ILE A 137 -36.84 1.57 14.76
C ILE A 137 -36.53 1.39 16.30
N SER A 138 -37.40 1.87 17.20
CA SER A 138 -37.14 1.68 18.67
C SER A 138 -37.09 0.13 19.02
N SER A 139 -38.03 -0.69 18.50
CA SER A 139 -38.02 -2.16 18.82
C SER A 139 -36.68 -2.78 18.31
N ILE A 140 -36.19 -2.29 17.17
CA ILE A 140 -34.94 -2.86 16.63
C ILE A 140 -33.75 -2.47 17.46
N PHE A 141 -33.72 -1.22 17.89
CA PHE A 141 -32.67 -0.80 18.82
C PHE A 141 -32.75 -1.53 20.18
N ASP A 142 -33.95 -1.82 20.67
CA ASP A 142 -34.10 -2.63 21.89
C ASP A 142 -33.50 -3.98 21.66
N PHE A 143 -33.86 -4.64 20.56
CA PHE A 143 -33.35 -6.00 20.31
C PHE A 143 -31.83 -5.99 20.33
N SER A 144 -31.25 -5.02 19.66
CA SER A 144 -29.78 -4.83 19.71
C SER A 144 -29.20 -4.63 21.10
N HIS A 145 -29.87 -3.84 21.95
CA HIS A 145 -29.36 -3.58 23.34
C HIS A 145 -29.38 -4.83 24.17
N SER A 146 -30.46 -5.61 24.10
CA SER A 146 -30.57 -6.91 24.79
C SER A 146 -29.51 -7.89 24.31
N LEU A 147 -29.30 -7.98 23.00
CA LEU A 147 -28.26 -8.85 22.45
C LEU A 147 -26.88 -8.46 22.94
N SER A 148 -26.62 -7.16 23.09
CA SER A 148 -25.31 -6.70 23.58
C SER A 148 -25.08 -7.16 25.02
N ALA A 149 -26.10 -7.07 25.87
CA ALA A 149 -25.99 -7.53 27.26
C ALA A 149 -25.51 -8.99 27.37
N LEU A 150 -25.93 -9.83 26.43
CA LEU A 150 -25.56 -11.24 26.45
C LEU A 150 -24.12 -11.54 25.97
N HIS A 151 -23.51 -10.57 25.30
CA HIS A 151 -22.10 -10.67 24.91
C HIS A 151 -21.76 -11.92 24.12
N PHE A 152 -22.49 -12.13 23.04
CA PHE A 152 -22.21 -13.35 22.24
C PHE A 152 -20.81 -13.21 21.65
N SER A 153 -20.04 -14.31 21.66
CA SER A 153 -18.73 -14.37 20.98
C SER A 153 -18.95 -14.55 19.47
N GLU A 154 -17.91 -14.38 18.65
CA GLU A 154 -18.07 -14.57 17.19
C GLU A 154 -18.51 -16.02 16.93
N ASP A 155 -17.88 -16.98 17.63
CA ASP A 155 -18.25 -18.41 17.50
C ASP A 155 -19.68 -18.63 17.99
N GLU A 156 -20.11 -17.98 19.08
CA GLU A 156 -21.53 -18.23 19.54
C GLU A 156 -22.53 -17.64 18.51
N ILE A 157 -22.19 -16.45 18.01
CA ILE A 157 -23.05 -15.75 17.00
C ILE A 157 -22.99 -16.54 15.67
N ALA A 158 -21.86 -17.17 15.36
CA ALA A 158 -21.77 -17.95 14.10
C ALA A 158 -22.64 -19.19 14.22
N LEU A 159 -22.53 -19.93 15.33
CA LEU A 159 -23.37 -21.14 15.51
C LEU A 159 -24.85 -20.79 15.56
N TYR A 160 -25.24 -19.75 16.29
CA TYR A 160 -26.66 -19.41 16.42
C TYR A 160 -27.24 -19.00 15.06
N THR A 161 -26.57 -18.09 14.36
CA THR A 161 -27.07 -17.74 13.02
C THR A 161 -27.14 -18.96 12.11
N ALA A 162 -26.19 -19.88 12.25
CA ALA A 162 -26.23 -21.11 11.46
C ALA A 162 -27.48 -21.86 11.72
N LEU A 163 -27.87 -21.94 12.98
CA LEU A 163 -29.10 -22.70 13.33
C LEU A 163 -30.36 -22.02 12.84
N VAL A 164 -30.36 -20.69 12.78
CA VAL A 164 -31.50 -19.95 12.23
C VAL A 164 -31.77 -20.34 10.80
N LEU A 165 -30.73 -20.42 9.99
CA LEU A 165 -30.88 -20.77 8.55
C LEU A 165 -31.26 -22.21 8.39
N ILE A 166 -30.51 -23.10 9.04
CA ILE A 166 -30.74 -24.54 8.94
C ILE A 166 -31.79 -25.01 9.97
N ASN A 167 -33.06 -24.69 9.67
CA ASN A 167 -34.18 -25.04 10.55
C ASN A 167 -35.09 -25.89 9.71
N ALA A 168 -35.38 -27.09 10.20
CA ALA A 168 -36.08 -28.10 9.44
C ALA A 168 -37.58 -27.98 9.46
N HIS A 169 -38.13 -26.97 10.12
CA HIS A 169 -39.59 -26.85 10.24
C HIS A 169 -40.20 -25.87 9.27
N ARG A 170 -39.43 -25.33 8.34
CA ARG A 170 -40.01 -24.37 7.41
C ARG A 170 -40.99 -25.07 6.48
N PRO A 171 -42.13 -24.45 6.21
CA PRO A 171 -43.05 -25.07 5.27
C PRO A 171 -42.50 -25.11 3.83
N GLY A 172 -42.76 -26.20 3.11
CA GLY A 172 -42.36 -26.35 1.72
C GLY A 172 -41.06 -27.10 1.50
N LEU A 173 -40.45 -27.65 2.55
CA LEU A 173 -39.22 -28.44 2.40
C LEU A 173 -39.51 -29.84 1.82
N GLN A 174 -38.81 -30.22 0.75
CA GLN A 174 -38.97 -31.54 0.16
C GLN A 174 -38.23 -32.58 0.98
N GLU A 175 -36.92 -32.40 1.14
CA GLU A 175 -36.11 -33.34 1.92
C GLU A 175 -36.10 -32.97 3.42
N LYS A 176 -37.24 -33.13 4.12
CA LYS A 176 -37.33 -32.74 5.54
C LYS A 176 -36.29 -33.48 6.36
N ARG A 177 -36.27 -34.81 6.24
CA ARG A 177 -35.33 -35.68 6.99
C ARG A 177 -33.87 -35.28 6.76
N LYS A 178 -33.49 -34.96 5.53
CA LYS A 178 -32.09 -34.57 5.28
C LYS A 178 -31.72 -33.30 6.09
N VAL A 179 -32.63 -32.34 6.16
CA VAL A 179 -32.37 -31.07 6.86
C VAL A 179 -32.34 -31.28 8.36
N GLU A 180 -33.28 -32.06 8.91
CA GLU A 180 -33.19 -32.40 10.32
C GLU A 180 -31.82 -32.99 10.68
N GLN A 181 -31.25 -33.83 9.83
CA GLN A 181 -29.95 -34.42 10.14
C GLN A 181 -28.87 -33.35 10.22
N LEU A 182 -28.90 -32.41 9.29
CA LEU A 182 -27.96 -31.29 9.28
C LEU A 182 -28.18 -30.36 10.50
N GLN A 183 -29.45 -30.12 10.86
CA GLN A 183 -29.75 -29.28 12.02
C GLN A 183 -29.30 -29.92 13.28
N TYR A 184 -29.68 -31.19 13.47
CA TYR A 184 -29.23 -31.94 14.65
C TYR A 184 -27.72 -31.84 14.84
N ASN A 185 -26.93 -32.05 13.79
CA ASN A 185 -25.47 -32.00 13.92
C ASN A 185 -25.02 -30.63 14.44
N LEU A 186 -25.61 -29.56 13.93
CA LEU A 186 -25.35 -28.21 14.48
C LEU A 186 -25.79 -28.04 15.93
N GLU A 187 -26.95 -28.58 16.31
CA GLU A 187 -27.34 -28.54 17.75
C GLU A 187 -26.31 -29.31 18.58
N LEU A 188 -25.93 -30.52 18.17
CA LEU A 188 -24.88 -31.24 18.93
C LEU A 188 -23.68 -30.31 19.14
N ALA A 189 -23.14 -29.79 18.04
CA ALA A 189 -21.94 -28.94 18.08
C ALA A 189 -22.12 -27.76 19.04
N PHE A 190 -23.17 -26.99 18.77
CA PHE A 190 -23.43 -25.80 19.57
C PHE A 190 -23.67 -26.16 21.03
N HIS A 191 -24.47 -27.19 21.31
CA HIS A 191 -24.68 -27.62 22.68
C HIS A 191 -23.36 -27.88 23.38
N HIS A 192 -22.45 -28.60 22.75
CA HIS A 192 -21.18 -28.91 23.37
C HIS A 192 -20.47 -27.59 23.74
N HIS A 193 -20.40 -26.66 22.78
CA HIS A 193 -19.67 -25.41 22.99
C HIS A 193 -20.28 -24.63 24.17
N LEU A 194 -21.60 -24.62 24.32
CA LEU A 194 -22.20 -23.88 25.43
C LEU A 194 -21.84 -24.52 26.76
N CYS A 195 -21.88 -25.87 26.82
CA CYS A 195 -21.48 -26.62 28.02
C CYS A 195 -20.04 -26.35 28.43
N LYS A 196 -19.11 -26.33 27.49
CA LYS A 196 -17.71 -26.10 27.85
C LYS A 196 -17.48 -24.73 28.49
N THR A 197 -18.29 -23.76 28.08
CA THR A 197 -18.16 -22.37 28.55
C THR A 197 -19.23 -22.00 29.61
N HIS A 198 -19.99 -22.97 30.11
CA HIS A 198 -21.00 -22.69 31.15
C HIS A 198 -21.99 -21.55 30.76
N ARG A 199 -22.53 -21.57 29.53
CA ARG A 199 -23.47 -20.56 29.04
C ARG A 199 -24.70 -21.15 28.38
N GLN A 200 -25.18 -22.24 28.90
CA GLN A 200 -26.33 -22.97 28.39
C GLN A 200 -27.55 -22.04 28.37
N SER A 201 -27.70 -21.18 29.38
CA SER A 201 -28.89 -20.36 29.51
C SER A 201 -28.99 -19.21 28.51
N ILE A 202 -27.94 -18.89 27.77
CA ILE A 202 -27.93 -17.61 26.99
C ILE A 202 -28.96 -17.57 25.91
N LEU A 203 -29.27 -18.70 25.27
CA LEU A 203 -30.26 -18.65 24.17
C LEU A 203 -31.64 -18.32 24.67
N ALA A 204 -32.01 -18.80 25.84
CA ALA A 204 -33.32 -18.43 26.42
C ALA A 204 -33.50 -16.91 26.55
N LYS A 205 -32.45 -16.22 26.94
CA LYS A 205 -32.49 -14.76 27.20
C LYS A 205 -32.48 -13.88 25.93
N LEU A 206 -32.12 -14.45 24.78
CA LEU A 206 -32.13 -13.71 23.54
C LEU A 206 -33.58 -13.42 23.14
N PRO A 207 -33.90 -12.18 22.71
CA PRO A 207 -35.28 -11.97 22.28
C PRO A 207 -35.56 -12.53 20.88
N PRO A 208 -36.85 -12.75 20.57
CA PRO A 208 -37.16 -13.25 19.24
C PRO A 208 -37.08 -12.09 18.24
N ALA A 209 -36.36 -12.29 17.14
CA ALA A 209 -36.22 -11.27 16.10
C ALA A 209 -37.02 -11.60 14.84
N GLY A 210 -37.74 -12.74 14.86
CA GLY A 210 -38.47 -13.23 13.71
C GLY A 210 -39.46 -12.23 13.17
N LYS A 211 -40.30 -11.68 14.05
CA LYS A 211 -41.33 -10.70 13.65
C LYS A 211 -40.69 -9.41 13.20
N LEU A 212 -39.61 -8.97 13.84
CA LEU A 212 -38.93 -7.75 13.40
C LEU A 212 -38.43 -7.95 11.98
N ALA A 213 -37.71 -9.06 11.74
CA ALA A 213 -37.27 -9.37 10.38
C ALA A 213 -38.43 -9.54 9.44
N SER A 214 -39.56 -10.11 9.86
CA SER A 214 -40.69 -10.22 8.92
C SER A 214 -41.04 -8.81 8.40
N LEU A 215 -41.09 -7.81 9.30
CA LEU A 215 -41.40 -6.45 8.93
C LEU A 215 -40.36 -5.86 8.01
N CYS A 216 -39.09 -6.03 8.32
CA CYS A 216 -38.03 -5.53 7.46
C CYS A 216 -38.17 -6.10 6.06
N SER A 217 -38.38 -7.40 5.94
CA SER A 217 -38.66 -8.00 4.60
C SER A 217 -39.88 -7.36 3.91
N GLN A 218 -40.96 -7.08 4.66
CA GLN A 218 -42.12 -6.43 4.07
C GLN A 218 -41.80 -5.04 3.52
N HIS A 219 -41.00 -4.26 4.24
CA HIS A 219 -40.56 -2.97 3.71
C HIS A 219 -39.66 -3.12 2.49
N VAL A 220 -38.74 -4.09 2.50
CA VAL A 220 -37.84 -4.27 1.34
C VAL A 220 -38.71 -4.55 0.11
N GLU A 221 -39.64 -5.48 0.26
CA GLU A 221 -40.57 -5.84 -0.81
C GLU A 221 -41.43 -4.66 -1.23
N ARG A 222 -41.89 -3.85 -0.26
CA ARG A 222 -42.75 -2.72 -0.57
C ARG A 222 -42.08 -1.82 -1.58
N LEU A 223 -40.80 -1.53 -1.39
CA LEU A 223 -40.11 -0.63 -2.30
C LEU A 223 -39.91 -1.18 -3.70
N GLN A 224 -39.65 -2.49 -3.82
CA GLN A 224 -39.49 -3.08 -5.16
C GLN A 224 -40.83 -3.14 -5.91
N ILE A 225 -41.93 -3.35 -5.22
CA ILE A 225 -43.26 -3.43 -5.86
C ILE A 225 -43.63 -2.05 -6.41
N PHE A 226 -43.36 -1.03 -5.60
CA PHE A 226 -43.67 0.38 -5.94
C PHE A 226 -42.53 1.27 -6.53
N GLN A 227 -41.37 0.75 -6.96
CA GLN A 227 -40.28 1.65 -7.49
C GLN A 227 -40.77 2.52 -8.75
N HIS A 228 -41.62 1.99 -9.63
CA HIS A 228 -42.07 2.79 -10.83
C HIS A 228 -42.73 4.14 -10.38
N LEU A 229 -43.41 4.12 -9.24
CA LEU A 229 -43.99 5.37 -8.68
C LEU A 229 -43.01 6.35 -7.97
N HIS A 230 -41.77 5.95 -7.77
CA HIS A 230 -40.76 6.77 -7.11
C HIS A 230 -39.66 7.08 -8.15
N PRO A 231 -38.76 8.05 -7.87
CA PRO A 231 -37.64 8.39 -8.76
C PRO A 231 -36.74 7.24 -9.18
N ILE A 232 -36.19 7.41 -10.39
CA ILE A 232 -35.45 6.33 -11.06
C ILE A 232 -34.08 6.22 -10.42
N VAL A 233 -33.46 5.04 -10.51
CA VAL A 233 -32.09 4.83 -9.95
C VAL A 233 -31.06 5.67 -10.74
N THR B 1 -32.70 -0.92 -6.62
CA THR B 1 -32.47 -2.36 -6.64
C THR B 1 -33.72 -3.13 -7.17
N ASN B 2 -33.78 -3.43 -8.46
CA ASN B 2 -34.96 -4.15 -9.02
C ASN B 2 -35.11 -5.60 -8.41
N MET B 3 -33.99 -6.31 -8.31
CA MET B 3 -34.09 -7.68 -7.79
C MET B 3 -34.28 -7.62 -6.23
N GLY B 4 -35.18 -8.44 -5.70
CA GLY B 4 -35.46 -8.46 -4.27
C GLY B 4 -36.13 -9.74 -3.80
N LEU B 5 -36.10 -9.97 -2.50
CA LEU B 5 -36.72 -11.14 -1.89
C LEU B 5 -36.21 -12.43 -2.51
N GLU B 6 -37.12 -13.31 -2.92
CA GLU B 6 -36.70 -14.57 -3.51
C GLU B 6 -35.91 -14.39 -4.80
N ALA B 7 -36.28 -13.44 -5.64
CA ALA B 7 -35.49 -13.26 -6.90
C ALA B 7 -33.96 -12.99 -6.60
N ILE B 8 -33.63 -12.07 -5.67
CA ILE B 8 -32.18 -11.83 -5.35
C ILE B 8 -31.52 -13.13 -4.76
N ILE B 9 -32.21 -13.87 -3.86
CA ILE B 9 -31.61 -15.11 -3.30
C ILE B 9 -31.35 -16.13 -4.46
N ARG B 10 -32.30 -16.26 -5.37
CA ARG B 10 -32.10 -17.23 -6.51
C ARG B 10 -30.83 -16.80 -7.28
N LYS B 11 -30.77 -15.51 -7.61
CA LYS B 11 -29.59 -15.00 -8.35
C LYS B 11 -28.34 -15.22 -7.54
N ALA B 12 -28.43 -14.95 -6.25
CA ALA B 12 -27.29 -15.13 -5.35
C ALA B 12 -26.81 -16.58 -5.26
N LEU B 13 -27.75 -17.52 -5.22
CA LEU B 13 -27.42 -18.95 -5.06
C LEU B 13 -26.69 -19.53 -6.27
N MET B 14 -27.11 -19.16 -7.48
CA MET B 14 -26.34 -19.50 -8.69
C MET B 14 -24.89 -18.94 -8.65
N GLY B 15 -23.90 -19.83 -8.54
CA GLY B 15 -22.52 -19.43 -8.20
C GLY B 15 -21.53 -20.55 -8.40
N SER C 6 10.46 10.14 2.14
CA SER C 6 10.39 8.83 1.51
C SER C 6 9.29 7.98 2.14
N LEU C 7 8.10 8.05 1.55
CA LEU C 7 6.95 7.30 2.05
C LEU C 7 7.16 5.80 1.97
N THR C 8 7.81 5.36 0.90
CA THR C 8 8.08 3.95 0.70
C THR C 8 8.96 3.38 1.80
N GLU C 9 9.95 4.15 2.22
CA GLU C 9 10.85 3.71 3.27
C GLU C 9 10.07 3.50 4.56
N ILE C 10 9.17 4.43 4.87
CA ILE C 10 8.36 4.34 6.06
C ILE C 10 7.44 3.14 6.03
N GLU C 11 6.77 2.93 4.91
CA GLU C 11 5.83 1.83 4.79
C GLU C 11 6.52 0.50 5.05
N HIS C 12 7.74 0.35 4.55
CA HIS C 12 8.51 -0.86 4.76
C HIS C 12 8.81 -1.08 6.23
N LEU C 13 9.12 0.00 6.94
CA LEU C 13 9.43 -0.09 8.35
C LEU C 13 8.25 -0.63 9.14
N VAL C 14 7.05 -0.18 8.80
CA VAL C 14 5.87 -0.66 9.50
C VAL C 14 5.73 -2.15 9.26
N GLN C 15 5.88 -2.55 8.00
CA GLN C 15 5.78 -3.95 7.61
C GLN C 15 6.86 -4.82 8.24
N SER C 16 8.09 -4.33 8.29
CA SER C 16 9.20 -5.06 8.86
C SER C 16 9.00 -5.29 10.35
N VAL C 17 8.56 -4.25 11.04
CA VAL C 17 8.31 -4.32 12.48
C VAL C 17 7.20 -5.32 12.79
N CYS C 18 6.16 -5.32 11.98
CA CYS C 18 5.05 -6.23 12.19
C CYS C 18 5.52 -7.65 11.98
N LYS C 19 6.34 -7.87 10.96
CA LYS C 19 6.88 -9.21 10.72
C LYS C 19 7.63 -9.67 11.97
N SER C 20 8.52 -8.83 12.49
CA SER C 20 9.29 -9.17 13.71
C SER C 20 8.41 -9.51 14.91
N TYR C 21 7.34 -8.73 15.14
CA TYR C 21 6.41 -9.05 16.23
C TYR C 21 5.75 -10.42 15.99
N ARG C 22 5.14 -10.60 14.82
CA ARG C 22 4.38 -11.85 14.55
C ARG C 22 5.30 -13.08 14.67
N GLU C 23 6.43 -13.04 13.98
CA GLU C 23 7.44 -14.11 14.05
C GLU C 23 7.84 -14.44 15.48
N THR C 24 7.95 -13.43 16.33
CA THR C 24 8.43 -13.62 17.70
C THR C 24 7.39 -13.68 18.83
N CYS C 25 6.09 -13.68 18.52
CA CYS C 25 5.11 -14.02 19.57
C CYS C 25 5.29 -15.46 19.96
N GLN C 26 5.01 -15.79 21.22
CA GLN C 26 5.09 -17.20 21.64
C GLN C 26 3.99 -18.03 20.95
N LEU C 27 2.79 -17.47 20.87
CA LEU C 27 1.68 -18.04 20.09
C LEU C 27 1.03 -16.89 19.34
N ARG C 28 0.79 -17.13 18.09
CA ARG C 28 0.23 -16.12 17.33
C ARG C 28 -1.19 -15.75 17.84
N LEU C 29 -1.58 -14.50 17.62
CA LEU C 29 -2.84 -14.03 18.19
C LEU C 29 -4.05 -14.81 17.69
N GLU C 30 -4.06 -15.13 16.41
CA GLU C 30 -5.17 -15.88 15.80
C GLU C 30 -5.45 -17.19 16.54
N ASP C 31 -4.39 -17.93 16.89
CA ASP C 31 -4.54 -19.17 17.66
C ASP C 31 -5.09 -18.88 19.04
N LEU C 32 -4.66 -17.77 19.66
CA LEU C 32 -5.17 -17.37 20.97
C LEU C 32 -6.67 -17.12 20.96
N LEU C 33 -7.15 -16.40 19.96
CA LEU C 33 -8.60 -16.15 19.85
C LEU C 33 -9.37 -17.46 19.66
N ARG C 34 -8.85 -18.38 18.84
CA ARG C 34 -9.52 -19.69 18.62
C ARG C 34 -9.63 -20.50 19.92
N GLN C 35 -8.63 -20.35 20.79
CA GLN C 35 -8.60 -21.06 22.06
C GLN C 35 -9.55 -20.54 23.14
N ARG C 36 -10.12 -19.34 22.97
CA ARG C 36 -10.91 -18.69 24.05
C ARG C 36 -11.99 -19.62 24.61
N SER C 37 -12.58 -20.45 23.76
CA SER C 37 -13.66 -21.36 24.13
C SER C 37 -13.21 -22.41 25.15
N ASN C 38 -11.93 -22.80 25.11
CA ASN C 38 -11.36 -23.75 26.07
C ASN C 38 -11.02 -23.03 27.36
N ILE C 39 -11.66 -23.44 28.47
CA ILE C 39 -11.53 -22.75 29.74
C ILE C 39 -11.13 -23.78 30.79
N PHE C 40 -10.38 -23.35 31.81
CA PHE C 40 -9.99 -24.24 32.92
C PHE C 40 -11.25 -24.71 33.66
N SER C 41 -11.27 -25.99 34.05
CA SER C 41 -12.43 -26.57 34.73
C SER C 41 -12.34 -26.18 36.21
N ARG C 42 -13.48 -26.07 36.89
CA ARG C 42 -13.48 -25.64 38.31
C ARG C 42 -12.52 -26.48 39.16
N GLU C 43 -12.35 -27.76 38.79
CA GLU C 43 -11.44 -28.63 39.50
C GLU C 43 -9.99 -28.23 39.21
N GLU C 44 -9.69 -27.92 37.97
CA GLU C 44 -8.35 -27.41 37.61
C GLU C 44 -8.01 -26.12 38.34
N VAL C 45 -8.98 -25.21 38.47
CA VAL C 45 -8.76 -23.93 39.16
C VAL C 45 -8.36 -24.19 40.62
N THR C 46 -9.19 -24.94 41.34
CA THR C 46 -8.88 -25.29 42.72
C THR C 46 -7.50 -25.97 42.83
N GLY C 47 -7.16 -26.79 41.83
CA GLY C 47 -5.82 -27.41 41.74
C GLY C 47 -4.71 -26.39 41.85
N TYR C 48 -4.81 -25.32 41.03
CA TYR C 48 -3.84 -24.23 41.11
C TYR C 48 -3.87 -23.54 42.47
N GLN C 49 -5.06 -23.31 43.05
CA GLN C 49 -5.16 -22.67 44.38
C GLN C 49 -4.50 -23.49 45.51
N ARG C 50 -4.49 -24.82 45.38
CA ARG C 50 -3.82 -25.66 46.41
C ARG C 50 -2.27 -25.59 46.37
N LYS C 51 -1.67 -25.09 45.28
CA LYS C 51 -0.24 -24.89 45.08
C LYS C 51 0.29 -23.91 46.12
N SER C 52 1.52 -24.15 46.58
CA SER C 52 2.10 -23.29 47.61
C SER C 52 2.50 -21.98 46.95
N MET C 53 2.56 -20.93 47.75
CA MET C 53 2.99 -19.63 47.24
C MET C 53 4.25 -19.76 46.41
N TRP C 54 5.27 -20.43 46.95
CA TRP C 54 6.52 -20.57 46.25
C TRP C 54 6.33 -21.28 44.92
N GLU C 55 5.55 -22.36 44.91
CA GLU C 55 5.43 -23.15 43.68
C GLU C 55 4.71 -22.39 42.56
N MET C 56 3.67 -21.63 42.92
CA MET C 56 2.97 -20.82 41.92
C MET C 56 3.84 -19.65 41.45
N TRP C 57 4.56 -19.00 42.38
CA TRP C 57 5.55 -17.96 41.96
C TRP C 57 6.69 -18.59 41.10
N GLU C 58 7.14 -19.77 41.47
CA GLU C 58 8.25 -20.37 40.68
C GLU C 58 7.77 -20.62 39.19
N ARG C 59 6.58 -21.18 39.01
CA ARG C 59 6.08 -21.39 37.63
C ARG C 59 5.80 -20.03 36.88
N CYS C 60 5.17 -19.08 37.58
CA CYS C 60 4.89 -17.75 36.94
C CYS C 60 6.24 -17.06 36.62
N ALA C 61 7.20 -17.16 37.52
CA ALA C 61 8.48 -16.47 37.22
C ALA C 61 9.20 -17.10 36.03
N HIS C 62 9.11 -18.42 35.91
CA HIS C 62 9.74 -19.08 34.78
C HIS C 62 9.07 -18.60 33.51
N HIS C 63 7.75 -18.39 33.58
CA HIS C 63 7.01 -17.98 32.39
C HIS C 63 7.38 -16.56 32.00
N LEU C 64 7.59 -15.71 33.00
CA LEU C 64 8.03 -14.34 32.73
C LEU C 64 9.41 -14.41 32.04
N THR C 65 10.32 -15.24 32.54
CA THR C 65 11.65 -15.30 31.92
C THR C 65 11.65 -15.91 30.51
N GLU C 66 10.87 -16.97 30.30
CA GLU C 66 10.69 -17.49 28.93
C GLU C 66 10.23 -16.38 27.99
N ALA C 67 9.23 -15.61 28.42
CA ALA C 67 8.69 -14.56 27.56
C ALA C 67 9.72 -13.49 27.27
N ILE C 68 10.45 -13.06 28.31
CA ILE C 68 11.55 -12.09 28.13
C ILE C 68 12.43 -12.55 26.97
N GLN C 69 12.75 -13.85 26.93
CA GLN C 69 13.64 -14.39 25.90
C GLN C 69 13.06 -14.06 24.54
N TYR C 70 11.79 -14.33 24.35
CA TYR C 70 11.17 -14.03 23.07
C TYR C 70 11.19 -12.51 22.80
N VAL C 71 11.06 -11.69 23.84
CA VAL C 71 11.14 -10.22 23.62
C VAL C 71 12.54 -9.81 23.14
N VAL C 72 13.60 -10.40 23.67
CA VAL C 72 14.95 -10.11 23.18
C VAL C 72 15.08 -10.41 21.69
N GLU C 73 14.49 -11.51 21.23
CA GLU C 73 14.46 -11.79 19.81
C GLU C 73 13.74 -10.69 19.03
N PHE C 74 12.62 -10.20 19.55
CA PHE C 74 11.90 -9.09 18.91
C PHE C 74 12.86 -7.94 18.69
N ALA C 75 13.60 -7.57 19.74
CA ALA C 75 14.52 -6.46 19.65
C ALA C 75 15.61 -6.69 18.57
N LYS C 76 16.13 -7.92 18.51
CA LYS C 76 17.16 -8.29 17.54
C LYS C 76 16.68 -8.01 16.12
N ARG C 77 15.44 -8.37 15.81
CA ARG C 77 14.88 -8.21 14.47
C ARG C 77 14.48 -6.78 14.05
N LEU C 78 14.49 -5.83 14.97
CA LEU C 78 14.21 -4.43 14.64
C LEU C 78 15.38 -3.80 13.91
N SER C 79 15.13 -3.17 12.74
CA SER C 79 16.21 -2.60 11.92
C SER C 79 17.00 -1.68 12.83
N GLY C 80 18.30 -1.92 12.92
CA GLY C 80 19.20 -0.99 13.62
C GLY C 80 19.56 -1.34 15.04
N PHE C 81 18.83 -2.25 15.68
CA PHE C 81 19.17 -2.63 17.07
C PHE C 81 20.52 -3.28 17.13
N MET C 82 20.83 -4.19 16.19
CA MET C 82 22.13 -4.86 16.13
C MET C 82 23.32 -3.91 16.01
N GLU C 83 23.18 -2.86 15.20
CA GLU C 83 24.20 -1.80 15.08
C GLU C 83 24.59 -1.08 16.41
N LEU C 84 23.71 -1.08 17.42
CA LEU C 84 24.02 -0.43 18.70
C LEU C 84 25.03 -1.23 19.49
N CYS C 85 25.88 -0.54 20.28
CA CYS C 85 26.86 -1.24 21.07
C CYS C 85 26.18 -2.10 22.13
N GLN C 86 26.77 -3.23 22.49
CA GLN C 86 26.12 -4.19 23.39
C GLN C 86 25.72 -3.53 24.72
N ASN C 87 26.49 -2.57 25.23
CA ASN C 87 26.07 -1.82 26.42
C ASN C 87 24.65 -1.25 26.24
N ASP C 88 24.42 -0.59 25.10
CA ASP C 88 23.13 0.04 24.82
C ASP C 88 22.05 -1.01 24.61
N GLN C 89 22.36 -2.05 23.84
CA GLN C 89 21.42 -3.16 23.63
C GLN C 89 20.93 -3.71 24.98
N ILE C 90 21.84 -3.92 25.92
CA ILE C 90 21.47 -4.43 27.25
C ILE C 90 20.70 -3.38 28.05
N VAL C 91 21.12 -2.12 27.99
CA VAL C 91 20.43 -1.08 28.79
C VAL C 91 18.98 -0.99 28.39
N LEU C 92 18.71 -0.97 27.07
CA LEU C 92 17.34 -0.79 26.58
C LEU C 92 16.49 -2.01 27.02
N LEU C 93 17.01 -3.22 26.85
CA LEU C 93 16.28 -4.39 27.30
C LEU C 93 16.04 -4.47 28.82
N LYS C 94 16.96 -4.02 29.66
CA LYS C 94 16.70 -4.03 31.12
C LYS C 94 15.50 -3.17 31.47
N ALA C 95 15.42 -1.98 30.87
CA ALA C 95 14.40 -1.01 31.24
C ALA C 95 13.02 -1.34 30.65
N GLY C 96 13.02 -1.87 29.43
CA GLY C 96 11.80 -2.01 28.65
C GLY C 96 11.30 -3.42 28.44
N ALA C 97 12.16 -4.42 28.58
CA ALA C 97 11.74 -5.72 28.11
C ALA C 97 10.62 -6.30 28.97
N MET C 98 10.65 -6.08 30.29
CA MET C 98 9.52 -6.56 31.10
C MET C 98 8.22 -5.87 30.75
N GLU C 99 8.25 -4.57 30.48
CA GLU C 99 7.02 -3.85 30.09
C GLU C 99 6.43 -4.45 28.85
N VAL C 100 7.25 -4.83 27.86
CA VAL C 100 6.71 -5.47 26.66
C VAL C 100 6.07 -6.78 27.09
N VAL C 101 6.71 -7.53 27.98
CA VAL C 101 6.17 -8.84 28.38
C VAL C 101 4.75 -8.67 28.90
N LEU C 102 4.56 -7.74 29.82
CA LEU C 102 3.22 -7.55 30.37
C LEU C 102 2.26 -7.21 29.25
N VAL C 103 2.64 -6.30 28.38
CA VAL C 103 1.77 -5.95 27.28
C VAL C 103 1.36 -7.22 26.52
N ARG C 104 2.30 -8.12 26.22
CA ARG C 104 1.99 -9.26 25.35
C ARG C 104 1.05 -10.22 26.09
N MET C 105 1.40 -10.56 27.32
CA MET C 105 0.55 -11.45 28.13
C MET C 105 -0.82 -10.83 28.34
N CYS C 106 -0.88 -9.54 28.67
CA CYS C 106 -2.18 -8.86 28.81
C CYS C 106 -2.95 -8.76 27.50
N ARG C 107 -2.25 -8.76 26.36
CA ARG C 107 -2.93 -8.91 25.04
C ARG C 107 -3.66 -10.25 24.95
N ALA C 108 -3.13 -11.33 25.51
CA ALA C 108 -3.81 -12.66 25.46
C ALA C 108 -4.82 -12.89 26.68
N TYR C 109 -5.90 -12.12 26.55
CA TYR C 109 -6.94 -11.92 27.56
C TYR C 109 -8.29 -11.77 26.83
N ASN C 110 -9.38 -12.05 27.54
CA ASN C 110 -10.74 -12.02 27.00
C ASN C 110 -11.62 -11.18 27.94
N ALA C 111 -12.06 -10.01 27.51
CA ALA C 111 -12.88 -9.12 28.35
C ALA C 111 -14.29 -9.60 28.61
N ASP C 112 -14.86 -10.44 27.73
CA ASP C 112 -16.21 -11.00 27.94
C ASP C 112 -16.41 -11.67 29.30
N ASN C 113 -15.46 -12.54 29.64
CA ASN C 113 -15.45 -13.30 30.93
C ASN C 113 -14.19 -13.02 31.75
N ARG C 114 -13.54 -11.88 31.55
CA ARG C 114 -12.36 -11.45 32.36
C ARG C 114 -11.31 -12.57 32.66
N THR C 115 -10.86 -13.29 31.62
CA THR C 115 -9.94 -14.44 31.78
C THR C 115 -8.68 -14.28 30.95
N VAL C 116 -7.57 -14.91 31.36
CA VAL C 116 -6.26 -14.77 30.67
C VAL C 116 -5.75 -16.11 30.15
N PHE C 117 -5.13 -16.18 28.96
CA PHE C 117 -4.50 -17.45 28.51
C PHE C 117 -3.33 -17.78 29.44
N PHE C 118 -3.38 -18.92 30.10
CA PHE C 118 -2.33 -19.33 31.05
C PHE C 118 -2.08 -20.81 31.00
N GLU C 119 -0.87 -21.21 30.59
CA GLU C 119 -0.52 -22.62 30.53
C GLU C 119 -1.57 -23.44 29.78
N GLY C 120 -1.92 -23.03 28.56
CA GLY C 120 -2.68 -23.90 27.65
C GLY C 120 -4.17 -23.70 27.57
N LYS C 121 -4.76 -23.08 28.60
CA LYS C 121 -6.21 -22.80 28.69
C LYS C 121 -6.44 -21.41 29.30
N TYR C 122 -7.63 -20.84 29.08
CA TYR C 122 -7.99 -19.53 29.68
C TYR C 122 -8.51 -19.73 31.12
N GLY C 123 -8.08 -18.88 32.05
CA GLY C 123 -8.63 -18.87 33.43
C GLY C 123 -8.67 -17.47 34.03
N GLY C 124 -9.35 -17.28 35.12
CA GLY C 124 -9.66 -15.95 35.64
C GLY C 124 -8.70 -15.58 36.73
N MET C 125 -8.97 -14.46 37.39
CA MET C 125 -8.10 -13.95 38.45
C MET C 125 -7.93 -14.93 39.60
N GLU C 126 -9.01 -15.65 39.94
CA GLU C 126 -9.00 -16.66 41.01
C GLU C 126 -7.94 -17.74 40.82
N LEU C 127 -7.55 -18.01 39.57
CA LEU C 127 -6.49 -19.00 39.28
C LEU C 127 -5.15 -18.70 39.99
N PHE C 128 -4.88 -17.42 40.23
CA PHE C 128 -3.67 -16.82 40.70
C PHE C 128 -3.72 -16.54 42.20
N ARG C 129 -4.72 -17.02 42.94
CA ARG C 129 -4.80 -16.80 44.42
C ARG C 129 -3.52 -17.28 45.15
N ALA C 130 -2.89 -18.36 44.67
CA ALA C 130 -1.69 -18.85 45.34
C ALA C 130 -0.54 -17.84 45.38
N LEU C 131 -0.45 -16.95 44.40
CA LEU C 131 0.59 -15.89 44.41
C LEU C 131 0.51 -14.99 45.65
N GLY C 132 -0.70 -14.75 46.14
CA GLY C 132 -0.89 -14.06 47.40
C GLY C 132 -0.58 -12.57 47.37
N CYS C 133 -0.61 -11.96 46.18
CA CYS C 133 -0.43 -10.51 46.04
C CYS C 133 -1.66 -9.96 45.32
N SER C 134 -2.82 -10.15 45.90
CA SER C 134 -4.07 -9.74 45.26
C SER C 134 -4.08 -8.28 44.79
N GLU C 135 -3.46 -7.37 45.54
CA GLU C 135 -3.39 -5.98 45.05
C GLU C 135 -2.67 -5.93 43.70
N LEU C 136 -1.59 -6.67 43.53
CA LEU C 136 -0.88 -6.69 42.25
C LEU C 136 -1.68 -7.39 41.17
N ILE C 137 -2.26 -8.53 41.51
CA ILE C 137 -2.98 -9.30 40.48
C ILE C 137 -4.18 -8.50 39.95
N SER C 138 -4.93 -7.85 40.84
CA SER C 138 -6.11 -7.12 40.37
C SER C 138 -5.70 -5.87 39.59
N SER C 139 -4.64 -5.16 40.00
CA SER C 139 -4.15 -4.03 39.17
C SER C 139 -3.77 -4.50 37.77
N ILE C 140 -3.20 -5.71 37.65
CA ILE C 140 -2.76 -6.23 36.34
C ILE C 140 -3.94 -6.62 35.49
N PHE C 141 -4.93 -7.24 36.10
CA PHE C 141 -6.17 -7.54 35.35
C PHE C 141 -6.92 -6.26 34.91
N ASP C 142 -6.88 -5.20 35.72
CA ASP C 142 -7.45 -3.91 35.29
C ASP C 142 -6.72 -3.43 34.07
N PHE C 143 -5.38 -3.43 34.10
CA PHE C 143 -4.61 -2.90 32.98
C PHE C 143 -4.97 -3.64 31.72
N SER C 144 -5.05 -4.94 31.83
CA SER C 144 -5.52 -5.78 30.69
C SER C 144 -6.92 -5.43 30.18
N HIS C 145 -7.86 -5.15 31.08
CA HIS C 145 -9.25 -4.81 30.66
C HIS C 145 -9.29 -3.48 29.91
N SER C 146 -8.58 -2.47 30.42
CA SER C 146 -8.44 -1.17 29.74
C SER C 146 -7.79 -1.29 28.37
N LEU C 147 -6.72 -2.08 28.28
CA LEU C 147 -6.04 -2.31 26.99
C LEU C 147 -6.99 -2.98 25.99
N SER C 148 -7.84 -3.89 26.47
CA SER C 148 -8.80 -4.56 25.58
C SER C 148 -9.75 -3.65 25.06
N ALA C 149 -10.28 -2.65 25.81
CA ALA C 149 -11.19 -1.66 25.39
C ALA C 149 -10.66 -0.84 24.13
N LEU C 150 -9.33 -0.64 24.12
CA LEU C 150 -8.54 0.13 23.13
C LEU C 150 -8.36 -0.63 21.81
N HIS C 151 -8.64 -1.95 21.77
CA HIS C 151 -8.62 -2.82 20.59
C HIS C 151 -7.43 -2.58 19.66
N PHE C 152 -6.22 -2.75 20.19
CA PHE C 152 -5.02 -2.48 19.38
C PHE C 152 -4.93 -3.59 18.36
N SER C 153 -4.71 -3.32 17.09
CA SER C 153 -4.48 -4.38 16.12
C SER C 153 -3.12 -5.06 16.35
N GLU C 154 -2.86 -6.14 15.61
CA GLU C 154 -1.50 -6.75 15.59
C GLU C 154 -0.47 -5.67 15.30
N ASP C 155 -0.69 -4.90 14.23
CA ASP C 155 0.33 -3.91 13.80
C ASP C 155 0.55 -2.82 14.85
N GLU C 156 -0.53 -2.32 15.46
CA GLU C 156 -0.42 -1.25 16.46
C GLU C 156 0.38 -1.70 17.66
N ILE C 157 0.06 -2.86 18.23
CA ILE C 157 0.90 -3.40 19.32
C ILE C 157 2.35 -3.60 18.88
N ALA C 158 2.58 -4.04 17.66
CA ALA C 158 3.98 -4.24 17.24
C ALA C 158 4.72 -2.93 17.33
N LEU C 159 4.17 -1.90 16.73
CA LEU C 159 4.84 -0.59 16.74
C LEU C 159 4.98 -0.02 18.14
N TYR C 160 3.94 -0.11 18.97
CA TYR C 160 4.00 0.48 20.32
C TYR C 160 5.02 -0.25 21.15
N THR C 161 4.98 -1.58 21.18
CA THR C 161 6.01 -2.32 21.94
C THR C 161 7.40 -1.99 21.43
N ALA C 162 7.55 -1.79 20.13
CA ALA C 162 8.86 -1.41 19.58
C ALA C 162 9.31 -0.11 20.20
N LEU C 163 8.41 0.84 20.30
CA LEU C 163 8.78 2.15 20.89
C LEU C 163 9.12 2.09 22.38
N VAL C 164 8.48 1.18 23.11
CA VAL C 164 8.80 0.96 24.51
C VAL C 164 10.27 0.55 24.69
N LEU C 165 10.74 -0.39 23.87
CA LEU C 165 12.12 -0.88 23.96
C LEU C 165 13.08 0.19 23.51
N ILE C 166 12.84 0.75 22.33
CA ILE C 166 13.72 1.74 21.73
C ILE C 166 13.35 3.14 22.22
N ASN C 167 13.71 3.44 23.47
CA ASN C 167 13.46 4.72 24.12
C ASN C 167 14.80 5.28 24.45
N ALA C 168 15.05 6.51 23.97
CA ALA C 168 16.36 7.11 24.05
C ALA C 168 16.65 7.81 25.35
N HIS C 169 15.74 7.76 26.31
CA HIS C 169 15.93 8.46 27.59
C HIS C 169 16.40 7.56 28.73
N ARG C 170 16.86 6.37 28.41
CA ARG C 170 17.21 5.42 29.44
C ARG C 170 18.57 5.81 30.00
N PRO C 171 18.71 5.84 31.34
CA PRO C 171 20.05 6.16 31.88
C PRO C 171 21.09 5.11 31.52
N GLY C 172 22.31 5.54 31.21
CA GLY C 172 23.41 4.65 30.89
C GLY C 172 23.66 4.39 29.42
N LEU C 173 22.95 5.10 28.55
CA LEU C 173 23.17 4.93 27.09
C LEU C 173 24.43 5.64 26.62
N GLN C 174 25.32 4.94 25.92
CA GLN C 174 26.54 5.55 25.38
C GLN C 174 26.20 6.33 24.12
N GLU C 175 25.67 5.64 23.13
CA GLU C 175 25.29 6.27 21.87
C GLU C 175 23.86 6.86 21.94
N LYS C 176 23.68 7.96 22.69
CA LYS C 176 22.35 8.59 22.81
C LYS C 176 21.81 8.97 21.45
N ARG C 177 22.61 9.72 20.66
CA ARG C 177 22.22 10.17 19.32
C ARG C 177 21.76 9.03 18.42
N LYS C 178 22.47 7.91 18.42
CA LYS C 178 22.09 6.80 17.56
C LYS C 178 20.71 6.25 17.89
N VAL C 179 20.39 6.20 19.18
CA VAL C 179 19.10 5.64 19.63
C VAL C 179 17.98 6.61 19.33
N GLU C 180 18.24 7.91 19.49
CA GLU C 180 17.18 8.90 19.16
C GLU C 180 16.82 8.75 17.68
N GLN C 181 17.83 8.55 16.83
CA GLN C 181 17.56 8.43 15.38
C GLN C 181 16.63 7.27 15.15
N LEU C 182 16.94 6.12 15.76
CA LEU C 182 16.12 4.92 15.59
C LEU C 182 14.72 5.11 16.18
N GLN C 183 14.61 5.80 17.32
CA GLN C 183 13.31 6.05 17.95
C GLN C 183 12.51 6.97 17.08
N TYR C 184 13.09 8.09 16.67
CA TYR C 184 12.40 9.01 15.77
C TYR C 184 11.83 8.29 14.56
N ASN C 185 12.62 7.43 13.89
CA ASN C 185 12.12 6.73 12.70
C ASN C 185 10.89 5.91 13.04
N LEU C 186 10.90 5.20 14.17
CA LEU C 186 9.69 4.48 14.65
C LEU C 186 8.53 5.42 14.95
N GLU C 187 8.75 6.59 15.57
CA GLU C 187 7.65 7.54 15.76
C GLU C 187 7.12 8.01 14.43
N LEU C 188 7.98 8.39 13.49
CA LEU C 188 7.46 8.78 12.15
C LEU C 188 6.55 7.66 11.64
N ALA C 189 7.06 6.44 11.57
CA ALA C 189 6.30 5.30 11.04
C ALA C 189 4.97 5.14 11.74
N PHE C 190 5.04 5.00 13.06
CA PHE C 190 3.84 4.76 13.86
C PHE C 190 2.87 5.92 13.72
N HIS C 191 3.36 7.15 13.72
CA HIS C 191 2.49 8.30 13.60
C HIS C 191 1.74 8.24 12.28
N HIS C 192 2.41 7.88 11.20
CA HIS C 192 1.75 7.77 9.92
C HIS C 192 0.64 6.73 10.00
N HIS C 193 0.95 5.55 10.55
CA HIS C 193 -0.04 4.45 10.65
C HIS C 193 -1.32 4.93 11.36
N LEU C 194 -1.16 5.60 12.50
CA LEU C 194 -2.32 6.08 13.29
C LEU C 194 -3.15 7.09 12.47
N CYS C 195 -2.49 8.00 11.75
CA CYS C 195 -3.22 9.02 10.96
C CYS C 195 -4.08 8.32 9.90
N LYS C 196 -3.51 7.32 9.21
CA LYS C 196 -4.23 6.56 8.17
C LYS C 196 -5.40 5.79 8.80
N THR C 197 -5.19 5.24 9.99
CA THR C 197 -6.22 4.41 10.69
C THR C 197 -7.18 5.30 11.49
N HIS C 198 -6.92 6.61 11.54
CA HIS C 198 -7.77 7.56 12.31
C HIS C 198 -7.79 7.12 13.79
N ARG C 199 -6.66 6.64 14.31
CA ARG C 199 -6.61 6.17 15.73
C ARG C 199 -5.52 6.91 16.50
N GLN C 200 -5.31 8.19 16.18
CA GLN C 200 -4.25 9.01 16.83
C GLN C 200 -4.42 9.09 18.34
N SER C 201 -5.65 9.24 18.84
CA SER C 201 -5.87 9.41 20.28
C SER C 201 -5.62 8.16 21.11
N ILE C 202 -5.43 6.98 20.48
CA ILE C 202 -5.45 5.73 21.26
C ILE C 202 -4.35 5.61 22.27
N LEU C 203 -3.15 6.09 21.94
CA LEU C 203 -1.97 5.95 22.83
C LEU C 203 -2.22 6.72 24.14
N ALA C 204 -2.83 7.90 24.07
CA ALA C 204 -3.10 8.71 25.28
C ALA C 204 -4.03 7.94 26.22
N LYS C 205 -5.05 7.29 25.66
CA LYS C 205 -6.07 6.53 26.45
C LYS C 205 -5.46 5.32 27.17
N LEU C 206 -4.31 4.85 26.68
CA LEU C 206 -3.61 3.65 27.22
C LEU C 206 -3.06 3.94 28.63
N PRO C 207 -3.32 3.03 29.56
CA PRO C 207 -2.83 3.16 30.94
C PRO C 207 -1.33 2.85 31.00
N PRO C 208 -0.61 3.49 31.93
CA PRO C 208 0.82 3.24 32.07
C PRO C 208 1.05 1.86 32.68
N ALA C 209 1.94 1.06 32.08
CA ALA C 209 2.22 -0.30 32.58
C ALA C 209 3.64 -0.44 33.12
N GLY C 210 4.42 0.63 33.09
CA GLY C 210 5.82 0.59 33.57
C GLY C 210 5.94 0.25 35.04
N LYS C 211 5.10 0.86 35.88
CA LYS C 211 5.16 0.62 37.35
C LYS C 211 4.79 -0.84 37.65
N LEU C 212 3.80 -1.38 36.95
CA LEU C 212 3.37 -2.79 37.16
C LEU C 212 4.54 -3.70 36.79
N ALA C 213 5.23 -3.38 35.69
CA ALA C 213 6.34 -4.17 35.21
C ALA C 213 7.48 -4.17 36.21
N SER C 214 7.69 -3.04 36.86
CA SER C 214 8.76 -2.94 37.85
C SER C 214 8.54 -3.91 39.00
N LEU C 215 7.31 -4.01 39.46
CA LEU C 215 6.98 -4.94 40.54
C LEU C 215 7.22 -6.37 40.11
N CYS C 216 6.85 -6.68 38.87
CA CYS C 216 7.04 -8.01 38.33
C CYS C 216 8.51 -8.35 38.26
N SER C 217 9.32 -7.38 37.84
CA SER C 217 10.76 -7.59 37.77
C SER C 217 11.28 -7.82 39.17
N GLN C 218 10.76 -7.07 40.13
CA GLN C 218 11.20 -7.26 41.52
C GLN C 218 10.86 -8.64 42.06
N HIS C 219 9.68 -9.17 41.76
CA HIS C 219 9.34 -10.54 42.16
C HIS C 219 10.23 -11.57 41.45
N VAL C 220 10.50 -11.37 40.14
CA VAL C 220 11.34 -12.35 39.42
C VAL C 220 12.71 -12.38 40.12
N GLU C 221 13.27 -11.22 40.37
CA GLU C 221 14.55 -11.11 41.06
C GLU C 221 14.51 -11.68 42.46
N ARG C 222 13.41 -11.47 43.18
CA ARG C 222 13.28 -11.99 44.55
C ARG C 222 13.50 -13.47 44.58
N LEU C 223 12.90 -14.20 43.64
CA LEU C 223 13.05 -15.66 43.63
C LEU C 223 14.44 -16.15 43.30
N GLN C 224 15.15 -15.45 42.42
CA GLN C 224 16.53 -15.86 42.10
C GLN C 224 17.48 -15.57 43.26
N ILE C 225 17.26 -14.48 44.01
CA ILE C 225 18.12 -14.14 45.16
C ILE C 225 17.94 -15.18 46.26
N PHE C 226 16.69 -15.62 46.48
CA PHE C 226 16.34 -16.53 47.57
C PHE C 226 16.20 -17.98 47.14
N GLN C 227 16.69 -18.37 45.96
CA GLN C 227 16.43 -19.75 45.50
C GLN C 227 17.08 -20.82 46.35
N HIS C 228 18.17 -20.53 47.06
CA HIS C 228 18.82 -21.56 47.88
C HIS C 228 17.98 -21.99 49.11
N LEU C 229 17.13 -21.08 49.58
CA LEU C 229 16.16 -21.36 50.67
C LEU C 229 14.86 -22.11 50.28
N HIS C 230 14.63 -22.30 49.00
CA HIS C 230 13.44 -22.97 48.52
C HIS C 230 13.90 -24.29 47.83
N PRO C 231 12.97 -25.24 47.56
CA PRO C 231 13.27 -26.47 46.84
C PRO C 231 13.96 -26.30 45.48
N ILE C 232 14.66 -27.36 45.09
CA ILE C 232 15.36 -27.48 43.82
C ILE C 232 14.34 -27.48 42.66
N VAL C 233 14.72 -26.82 41.56
CA VAL C 233 13.95 -26.76 40.30
C VAL C 233 12.66 -25.95 40.45
N GLY D 4 19.00 -9.70 37.97
CA GLY D 4 18.50 -11.06 37.59
C GLY D 4 18.04 -11.11 36.15
N LEU D 5 17.24 -10.13 35.76
CA LEU D 5 16.85 -9.90 34.35
C LEU D 5 18.08 -9.79 33.47
N GLU D 6 19.08 -9.01 33.88
CA GLU D 6 20.27 -8.82 33.06
C GLU D 6 20.87 -10.14 32.64
N ALA D 7 20.93 -11.09 33.58
CA ALA D 7 21.58 -12.34 33.31
C ALA D 7 20.85 -13.10 32.19
N ILE D 8 19.54 -13.24 32.34
CA ILE D 8 18.74 -13.90 31.29
C ILE D 8 18.88 -13.08 29.94
N ILE D 9 18.78 -11.73 30.00
CA ILE D 9 18.94 -10.91 28.75
C ILE D 9 20.37 -11.12 28.10
N ARG D 10 21.46 -11.11 28.90
CA ARG D 10 22.82 -11.27 28.28
C ARG D 10 22.92 -12.67 27.54
N LYS D 11 22.44 -13.76 28.15
CA LYS D 11 22.51 -15.09 27.44
C LYS D 11 21.67 -15.02 26.09
N ALA D 12 20.45 -14.44 26.09
CA ALA D 12 19.65 -14.37 24.82
C ALA D 12 20.36 -13.51 23.69
N LEU D 13 20.98 -12.36 24.04
CA LEU D 13 21.66 -11.54 22.98
C LEU D 13 22.83 -12.36 22.28
N MET D 14 23.66 -13.10 23.04
CA MET D 14 24.80 -13.85 22.39
C MET D 14 24.28 -14.89 21.32
N GLY D 15 23.16 -15.60 21.60
CA GLY D 15 22.60 -16.57 20.64
C GLY D 15 21.30 -17.33 20.94
N SER E 6 -16.77 16.47 -26.84
CA SER E 6 -16.11 16.70 -25.56
C SER E 6 -14.60 16.55 -25.69
N LEU E 7 -13.99 17.43 -26.47
CA LEU E 7 -12.54 17.38 -26.68
C LEU E 7 -11.81 17.63 -25.38
N THR E 8 -12.34 18.67 -24.68
CA THR E 8 -11.74 18.96 -23.40
C THR E 8 -11.83 17.65 -22.38
N GLU E 9 -12.99 17.01 -22.42
CA GLU E 9 -13.26 15.85 -21.57
C GLU E 9 -12.33 14.69 -21.85
N ILE E 10 -12.05 14.41 -23.12
CA ILE E 10 -11.15 13.31 -23.44
C ILE E 10 -9.74 13.57 -22.92
N GLU E 11 -9.32 14.92 -23.10
CA GLU E 11 -7.98 15.26 -22.65
C GLU E 11 -7.80 14.97 -21.18
N HIS E 12 -8.81 15.29 -20.38
CA HIS E 12 -8.76 15.03 -18.94
C HIS E 12 -8.65 13.53 -18.67
N LEU E 13 -9.39 12.73 -19.43
CA LEU E 13 -9.35 11.19 -19.15
C LEU E 13 -7.97 10.62 -19.40
N VAL E 14 -7.33 11.21 -20.52
CA VAL E 14 -6.00 10.76 -20.83
C VAL E 14 -5.06 11.09 -19.68
N GLN E 15 -5.19 12.29 -19.13
CA GLN E 15 -4.36 12.72 -18.02
C GLN E 15 -4.67 11.89 -16.79
N SER E 16 -5.94 11.73 -16.50
CA SER E 16 -6.34 10.98 -15.31
C SER E 16 -5.76 9.59 -15.35
N VAL E 17 -6.02 8.88 -16.43
CA VAL E 17 -5.49 7.53 -16.59
C VAL E 17 -3.96 7.48 -16.47
N CYS E 18 -3.23 8.45 -17.04
CA CYS E 18 -1.77 8.45 -16.88
C CYS E 18 -1.35 8.64 -15.42
N LYS E 19 -2.03 9.54 -14.72
CA LYS E 19 -1.75 9.76 -13.30
C LYS E 19 -1.90 8.41 -12.56
N SER E 20 -3.01 7.71 -12.79
CA SER E 20 -3.25 6.42 -12.14
C SER E 20 -2.16 5.39 -12.41
N TYR E 21 -1.70 5.30 -13.66
CA TYR E 21 -0.59 4.39 -13.98
C TYR E 21 0.68 4.80 -13.22
N ARG E 22 1.10 6.07 -13.33
CA ARG E 22 2.35 6.52 -12.71
C ARG E 22 2.32 6.28 -11.19
N GLU E 23 1.27 6.76 -10.53
CA GLU E 23 1.08 6.58 -9.10
C GLU E 23 1.20 5.11 -8.69
N THR E 24 0.61 4.23 -9.50
CA THR E 24 0.58 2.79 -9.17
C THR E 24 1.67 1.80 -9.74
N CYS E 25 2.60 2.23 -10.62
CA CYS E 25 3.69 1.31 -11.10
C CYS E 25 4.60 1.08 -9.85
N GLN E 26 5.17 -0.12 -9.61
CA GLN E 26 5.96 -0.30 -8.34
C GLN E 26 7.18 0.70 -8.31
N LEU E 27 7.94 0.80 -9.44
CA LEU E 27 9.07 1.75 -9.67
C LEU E 27 8.75 2.60 -10.94
N ARG E 28 8.86 3.92 -10.87
CA ARG E 28 8.59 4.73 -12.08
C ARG E 28 9.61 4.42 -13.19
N LEU E 29 9.22 4.61 -14.42
CA LEU E 29 10.06 4.24 -15.56
C LEU E 29 11.40 4.96 -15.56
N GLU E 30 11.40 6.25 -15.26
CA GLU E 30 12.64 7.02 -15.28
C GLU E 30 13.70 6.41 -14.33
N ASP E 31 13.29 6.00 -13.16
CA ASP E 31 14.20 5.30 -12.22
C ASP E 31 14.69 3.98 -12.80
N LEU E 32 13.83 3.27 -13.51
CA LEU E 32 14.22 2.01 -14.17
C LEU E 32 15.31 2.22 -15.20
N LEU E 33 15.17 3.22 -16.03
CA LEU E 33 16.20 3.53 -17.03
C LEU E 33 17.53 3.90 -16.34
N ARG E 34 17.48 4.68 -15.27
CA ARG E 34 18.71 5.06 -14.51
C ARG E 34 19.43 3.84 -13.92
N GLN E 35 18.67 2.83 -13.55
CA GLN E 35 19.20 1.60 -12.96
C GLN E 35 19.89 0.66 -13.97
N ARG E 36 19.68 0.86 -15.29
CA ARG E 36 20.18 -0.12 -16.29
C ARG E 36 21.67 -0.43 -16.12
N SER E 37 22.46 0.56 -15.69
CA SER E 37 23.89 0.41 -15.47
C SER E 37 24.24 -0.66 -14.41
N ASN E 38 23.38 -0.84 -13.43
CA ASN E 38 23.54 -1.90 -12.40
C ASN E 38 23.07 -3.25 -12.96
N ILE E 39 23.97 -4.20 -13.09
CA ILE E 39 23.71 -5.49 -13.74
C ILE E 39 24.15 -6.57 -12.76
N PHE E 40 23.46 -7.72 -12.76
CA PHE E 40 23.82 -8.84 -11.88
C PHE E 40 25.20 -9.37 -12.32
N SER E 41 26.06 -9.69 -11.36
CA SER E 41 27.39 -10.21 -11.66
C SER E 41 27.27 -11.68 -11.98
N ARG E 42 28.16 -12.23 -12.80
CA ARG E 42 28.12 -13.66 -13.19
C ARG E 42 27.97 -14.58 -11.99
N GLU E 43 28.52 -14.19 -10.85
CA GLU E 43 28.41 -14.98 -9.61
C GLU E 43 26.99 -14.92 -9.06
N GLU E 44 26.40 -13.73 -9.08
CA GLU E 44 24.98 -13.56 -8.68
C GLU E 44 24.04 -14.39 -9.57
N VAL E 45 24.31 -14.41 -10.88
CA VAL E 45 23.48 -15.18 -11.82
C VAL E 45 23.49 -16.66 -11.46
N THR E 46 24.68 -17.20 -11.24
N THR E 46 24.66 -17.15 -11.44
CA THR E 46 24.80 -18.61 -10.93
CA THR E 46 24.81 -18.57 -11.03
C THR E 46 24.04 -18.85 -9.64
C THR E 46 24.11 -18.83 -9.69
N GLY E 47 24.19 -17.93 -8.72
CA GLY E 47 23.45 -17.99 -7.43
C GLY E 47 21.99 -18.32 -7.65
N TYR E 48 21.35 -17.55 -8.52
CA TYR E 48 19.95 -17.81 -8.88
C TYR E 48 19.78 -19.19 -9.55
N GLN E 49 20.69 -19.59 -10.43
CA GLN E 49 20.61 -20.93 -11.08
C GLN E 49 20.71 -22.10 -10.09
N ARG E 50 21.39 -21.88 -8.98
CA ARG E 50 21.51 -22.89 -7.95
C ARG E 50 20.17 -23.21 -7.27
N LYS E 51 19.28 -22.21 -7.17
CA LYS E 51 18.01 -22.38 -6.45
C LYS E 51 17.22 -23.57 -7.00
N SER E 52 16.43 -24.24 -6.14
CA SER E 52 15.65 -25.37 -6.60
C SER E 52 14.50 -24.86 -7.42
N MET E 53 13.99 -25.70 -8.32
CA MET E 53 12.85 -25.39 -9.05
C MET E 53 11.78 -24.77 -8.15
N TRP E 54 11.43 -25.49 -7.03
CA TRP E 54 10.41 -25.00 -6.14
C TRP E 54 10.73 -23.52 -5.69
N GLU E 55 11.95 -23.32 -5.26
CA GLU E 55 12.31 -22.07 -4.59
C GLU E 55 12.31 -20.89 -5.54
N MET E 56 12.77 -21.10 -6.77
CA MET E 56 12.73 -20.02 -7.78
C MET E 56 11.29 -19.73 -8.23
N TRP E 57 10.47 -20.79 -8.40
CA TRP E 57 9.03 -20.58 -8.65
C TRP E 57 8.38 -20.02 -7.32
N GLU E 58 8.79 -20.26 -6.22
CA GLU E 58 8.20 -19.67 -5.02
C GLU E 58 8.38 -18.15 -4.95
N ARG E 59 9.57 -17.65 -5.23
CA ARG E 59 9.82 -16.20 -5.22
C ARG E 59 9.18 -15.55 -6.43
N CYS E 60 9.34 -16.15 -7.60
CA CYS E 60 8.69 -15.59 -8.81
C CYS E 60 7.19 -15.48 -8.64
N ALA E 61 6.62 -16.65 -7.98
CA ALA E 61 5.14 -16.60 -7.78
C ALA E 61 4.74 -15.45 -6.77
N HIS E 62 5.45 -15.18 -5.76
CA HIS E 62 5.16 -14.14 -4.74
C HIS E 62 5.27 -12.72 -5.60
N HIS E 63 6.26 -12.66 -6.48
CA HIS E 63 6.53 -11.42 -7.26
C HIS E 63 5.32 -11.11 -8.14
N LEU E 64 4.76 -12.15 -8.75
CA LEU E 64 3.60 -12.02 -9.57
C LEU E 64 2.46 -11.62 -8.62
N THR E 65 2.27 -12.24 -7.45
CA THR E 65 1.14 -11.85 -6.58
C THR E 65 1.27 -10.44 -5.99
N GLU E 66 2.43 -9.95 -5.68
CA GLU E 66 2.65 -8.54 -5.27
C GLU E 66 2.26 -7.58 -6.36
N ALA E 67 2.71 -7.86 -7.59
CA ALA E 67 2.41 -6.96 -8.70
C ALA E 67 0.93 -6.90 -8.96
N ILE E 68 0.31 -8.15 -8.86
CA ILE E 68 -1.17 -8.20 -9.03
C ILE E 68 -1.80 -7.18 -8.09
N GLN E 69 -1.33 -7.15 -6.83
CA GLN E 69 -1.89 -6.24 -5.83
C GLN E 69 -1.84 -4.72 -6.42
N TYR E 70 -0.71 -4.30 -6.95
CA TYR E 70 -0.57 -2.94 -7.48
C TYR E 70 -1.47 -2.75 -8.71
N VAL E 71 -1.68 -3.83 -9.47
CA VAL E 71 -2.57 -3.76 -10.53
C VAL E 71 -4.00 -3.53 -10.06
N VAL E 72 -4.44 -4.19 -8.99
CA VAL E 72 -5.78 -3.91 -8.45
C VAL E 72 -5.92 -2.45 -8.05
N GLU E 73 -4.85 -1.86 -7.53
CA GLU E 73 -4.89 -0.42 -7.18
C GLU E 73 -5.08 0.41 -8.48
N PHE E 74 -4.37 0.02 -9.54
CA PHE E 74 -4.55 0.78 -10.90
C PHE E 74 -5.98 0.72 -11.21
N ALA E 75 -6.63 -0.43 -11.14
CA ALA E 75 -8.03 -0.53 -11.52
C ALA E 75 -8.94 0.37 -10.67
N LYS E 76 -8.66 0.41 -9.35
CA LYS E 76 -9.43 1.24 -8.43
C LYS E 76 -9.43 2.69 -8.85
N ARG E 77 -8.27 3.21 -9.25
CA ARG E 77 -8.13 4.60 -9.69
C ARG E 77 -8.89 4.98 -10.95
N LEU E 78 -9.09 4.03 -11.86
CA LEU E 78 -9.69 4.32 -13.16
C LEU E 78 -11.13 4.81 -12.99
N SER E 79 -11.47 5.94 -13.60
CA SER E 79 -12.81 6.53 -13.50
C SER E 79 -13.83 5.45 -13.78
N GLY E 80 -14.71 5.20 -12.83
CA GLY E 80 -15.86 4.32 -13.04
C GLY E 80 -15.72 2.89 -12.57
N PHE E 81 -14.50 2.44 -12.27
CA PHE E 81 -14.33 1.04 -11.86
C PHE E 81 -15.06 0.76 -10.54
N MET E 82 -14.98 1.70 -9.61
CA MET E 82 -15.61 1.54 -8.30
C MET E 82 -17.13 1.39 -8.41
N GLU E 83 -17.75 2.19 -9.28
CA GLU E 83 -19.19 2.06 -9.55
C GLU E 83 -19.68 0.66 -10.00
N LEU E 84 -18.82 -0.18 -10.55
CA LEU E 84 -19.21 -1.54 -10.99
C LEU E 84 -19.45 -2.45 -9.80
N CYS E 85 -20.39 -3.37 -9.94
CA CYS E 85 -20.69 -4.30 -8.86
C CYS E 85 -19.49 -5.21 -8.60
N GLN E 86 -19.30 -5.61 -7.35
CA GLN E 86 -18.10 -6.36 -6.97
C GLN E 86 -17.91 -7.63 -7.83
N ASN E 87 -19.00 -8.29 -8.24
CA ASN E 87 -18.85 -9.45 -9.17
C ASN E 87 -18.05 -9.03 -10.39
N ASP E 88 -18.42 -7.90 -11.00
CA ASP E 88 -17.77 -7.44 -12.23
C ASP E 88 -16.36 -6.99 -11.94
N GLN E 89 -16.15 -6.24 -10.86
CA GLN E 89 -14.77 -5.84 -10.45
C GLN E 89 -13.86 -7.06 -10.34
N ILE E 90 -14.33 -8.13 -9.71
CA ILE E 90 -13.54 -9.36 -9.59
C ILE E 90 -13.37 -10.05 -10.96
N VAL E 91 -14.43 -10.11 -11.77
CA VAL E 91 -14.35 -10.79 -13.07
C VAL E 91 -13.29 -10.16 -13.93
N LEU E 92 -13.29 -8.83 -14.00
CA LEU E 92 -12.34 -8.12 -14.87
C LEU E 92 -10.91 -8.36 -14.39
N LEU E 93 -10.68 -8.25 -13.10
CA LEU E 93 -9.35 -8.51 -12.57
C LEU E 93 -8.89 -9.99 -12.77
N LYS E 94 -9.76 -11.00 -12.65
CA LYS E 94 -9.33 -12.40 -12.93
C LYS E 94 -8.82 -12.56 -14.35
N ALA E 95 -9.54 -11.99 -15.30
CA ALA E 95 -9.28 -12.22 -16.72
C ALA E 95 -8.06 -11.40 -17.22
N GLY E 96 -7.91 -10.17 -16.69
CA GLY E 96 -6.94 -9.24 -17.22
C GLY E 96 -5.79 -8.89 -16.34
N ALA E 97 -5.89 -9.10 -15.04
CA ALA E 97 -4.89 -8.50 -14.18
C ALA E 97 -3.52 -9.13 -14.37
N MET E 98 -3.46 -10.43 -14.60
CA MET E 98 -2.14 -11.04 -14.90
C MET E 98 -1.53 -10.50 -16.18
N GLU E 99 -2.35 -10.31 -17.22
CA GLU E 99 -1.82 -9.77 -18.47
C GLU E 99 -1.20 -8.42 -18.26
N VAL E 100 -1.80 -7.56 -17.43
CA VAL E 100 -1.20 -6.25 -17.17
C VAL E 100 0.11 -6.49 -16.49
N VAL E 101 0.16 -7.42 -15.55
CA VAL E 101 1.40 -7.64 -14.78
C VAL E 101 2.54 -7.94 -15.76
N LEU E 102 2.33 -8.88 -16.67
CA LEU E 102 3.39 -9.23 -17.60
C LEU E 102 3.74 -7.89 -18.49
N VAL E 103 2.79 -7.17 -18.96
CA VAL E 103 3.17 -5.96 -19.78
C VAL E 103 4.03 -4.97 -18.91
N ARG E 104 3.62 -4.68 -17.66
CA ARG E 104 4.44 -3.74 -16.81
C ARG E 104 5.88 -4.36 -16.55
N MET E 105 5.98 -5.66 -16.19
CA MET E 105 7.33 -6.28 -15.93
C MET E 105 8.16 -6.28 -17.25
N CYS E 106 7.49 -6.63 -18.35
CA CYS E 106 8.19 -6.59 -19.66
C CYS E 106 8.55 -5.17 -20.11
N ARG E 107 7.88 -4.19 -19.51
CA ARG E 107 8.21 -2.76 -19.76
C ARG E 107 9.58 -2.49 -19.13
N ALA E 108 9.85 -3.08 -17.95
CA ALA E 108 11.13 -2.90 -17.25
C ALA E 108 12.24 -3.80 -17.80
N TYR E 109 12.65 -3.53 -19.03
CA TYR E 109 13.54 -4.35 -19.84
C TYR E 109 14.44 -3.42 -20.66
N ASN E 110 15.60 -3.95 -21.07
CA ASN E 110 16.64 -3.19 -21.81
C ASN E 110 16.99 -4.01 -23.06
N ALA E 111 16.62 -3.48 -24.21
CA ALA E 111 16.84 -4.13 -25.50
C ALA E 111 18.31 -4.21 -25.93
N ASP E 112 19.13 -3.26 -25.51
CA ASP E 112 20.56 -3.21 -25.86
C ASP E 112 21.29 -4.49 -25.48
N ASN E 113 21.06 -4.94 -24.24
CA ASN E 113 21.65 -6.17 -23.67
C ASN E 113 20.63 -7.25 -23.31
N ARG E 114 19.43 -7.21 -23.87
CA ARG E 114 18.37 -8.21 -23.60
C ARG E 114 18.20 -8.67 -22.13
N THR E 115 18.07 -7.71 -21.20
CA THR E 115 18.00 -8.01 -19.75
C THR E 115 16.74 -7.40 -19.13
N VAL E 116 16.27 -7.96 -18.00
CA VAL E 116 15.04 -7.46 -17.32
C VAL E 116 15.33 -6.99 -15.90
N PHE E 117 14.74 -5.89 -15.42
CA PHE E 117 14.89 -5.48 -14.01
C PHE E 117 14.27 -6.54 -13.13
N PHE E 118 15.04 -7.16 -12.24
CA PHE E 118 14.55 -8.25 -11.39
C PHE E 118 15.15 -8.18 -10.03
N GLU E 119 14.35 -7.91 -9.01
CA GLU E 119 14.85 -7.87 -7.65
C GLU E 119 15.98 -6.90 -7.35
N GLY E 120 15.97 -5.73 -7.98
CA GLY E 120 16.96 -4.70 -7.65
C GLY E 120 18.03 -4.40 -8.68
N LYS E 121 18.30 -5.37 -9.56
CA LYS E 121 19.31 -5.23 -10.64
C LYS E 121 18.81 -5.87 -11.93
N TYR E 122 19.41 -5.52 -13.06
CA TYR E 122 19.05 -6.11 -14.37
C TYR E 122 19.77 -7.43 -14.57
N GLY E 123 19.06 -8.44 -15.08
CA GLY E 123 19.68 -9.72 -15.48
C GLY E 123 19.01 -10.34 -16.68
N GLY E 124 19.66 -11.33 -17.30
CA GLY E 124 19.24 -11.80 -18.63
C GLY E 124 18.39 -13.04 -18.47
N MET E 125 18.05 -13.69 -19.58
CA MET E 125 17.20 -14.87 -19.55
C MET E 125 17.79 -16.00 -18.70
N GLU E 126 19.12 -16.16 -18.76
CA GLU E 126 19.86 -17.14 -17.95
C GLU E 126 19.59 -17.07 -16.46
N LEU E 127 19.22 -15.88 -15.95
CA LEU E 127 18.90 -15.73 -14.53
C LEU E 127 17.77 -16.63 -14.05
N PHE E 128 16.88 -16.95 -14.98
CA PHE E 128 15.70 -17.81 -14.68
C PHE E 128 15.80 -19.32 -15.03
N ARG E 129 16.97 -19.90 -15.32
CA ARG E 129 17.01 -21.37 -15.67
C ARG E 129 16.41 -22.32 -14.55
N ALA E 130 16.50 -21.95 -13.25
CA ALA E 130 15.91 -22.84 -12.19
C ALA E 130 14.40 -23.09 -12.47
N LEU E 131 13.69 -22.08 -13.00
CA LEU E 131 12.24 -22.33 -13.26
C LEU E 131 12.03 -23.66 -14.03
N GLY E 132 12.90 -23.82 -15.06
CA GLY E 132 12.88 -25.14 -15.75
C GLY E 132 11.74 -25.20 -16.76
N CYS E 133 11.25 -24.04 -17.19
CA CYS E 133 10.27 -23.92 -18.26
C CYS E 133 10.87 -23.01 -19.33
N SER E 134 12.02 -23.39 -19.87
CA SER E 134 12.70 -22.54 -20.85
C SER E 134 11.83 -22.15 -22.05
N GLU E 135 10.94 -23.01 -22.49
CA GLU E 135 10.03 -22.63 -23.58
C GLU E 135 9.19 -21.40 -23.14
N LEU E 136 8.70 -21.39 -21.91
CA LEU E 136 7.92 -20.24 -21.44
C LEU E 136 8.81 -19.01 -21.25
N ILE E 137 9.97 -19.20 -20.65
CA ILE E 137 10.78 -17.94 -20.46
C ILE E 137 11.23 -17.25 -21.76
N SER E 138 11.61 -18.03 -22.76
CA SER E 138 12.07 -17.42 -24.01
C SER E 138 10.93 -16.75 -24.76
N SER E 139 9.79 -17.43 -24.58
CA SER E 139 8.65 -16.80 -25.24
C SER E 139 8.39 -15.41 -24.58
N ILE E 140 8.55 -15.34 -23.26
CA ILE E 140 8.30 -14.10 -22.50
C ILE E 140 9.31 -12.96 -22.91
N PHE E 141 10.55 -13.36 -23.01
CA PHE E 141 11.61 -12.43 -23.41
C PHE E 141 11.43 -11.92 -24.86
N ASP E 142 10.92 -12.76 -25.76
CA ASP E 142 10.58 -12.30 -27.12
C ASP E 142 9.54 -11.21 -27.03
N PHE E 143 8.46 -11.47 -26.29
CA PHE E 143 7.37 -10.50 -26.21
C PHE E 143 7.90 -9.15 -25.73
N SER E 144 8.75 -9.20 -24.70
CA SER E 144 9.42 -7.98 -24.21
C SER E 144 10.27 -7.26 -25.24
N HIS E 145 11.02 -8.01 -26.07
CA HIS E 145 11.89 -7.39 -27.10
C HIS E 145 11.06 -6.67 -28.17
N SER E 146 9.98 -7.32 -28.63
CA SER E 146 9.04 -6.72 -29.59
C SER E 146 8.37 -5.48 -29.03
N LEU E 147 7.92 -5.53 -27.78
CA LEU E 147 7.32 -4.36 -27.13
C LEU E 147 8.31 -3.19 -27.05
N SER E 148 9.60 -3.49 -26.80
CA SER E 148 10.60 -2.42 -26.74
C SER E 148 10.74 -1.73 -28.08
N ALA E 149 10.76 -2.50 -29.18
CA ALA E 149 10.85 -1.92 -30.52
C ALA E 149 9.77 -0.87 -30.81
N LEU E 150 8.58 -1.08 -30.26
CA LEU E 150 7.47 -0.14 -30.48
C LEU E 150 7.55 1.16 -29.67
N HIS E 151 8.37 1.16 -28.63
CA HIS E 151 8.63 2.38 -27.86
C HIS E 151 7.36 3.05 -27.34
N PHE E 152 6.59 2.33 -26.54
CA PHE E 152 5.40 2.92 -25.98
C PHE E 152 5.82 3.92 -24.92
N SER E 153 5.28 5.13 -24.95
CA SER E 153 5.59 6.08 -23.87
C SER E 153 4.90 5.64 -22.58
N GLU E 154 5.17 6.34 -21.48
CA GLU E 154 4.40 6.22 -20.21
C GLU E 154 2.90 6.30 -20.54
N ASP E 155 2.50 7.35 -21.26
CA ASP E 155 1.06 7.56 -21.58
C ASP E 155 0.47 6.41 -22.43
N GLU E 156 1.19 5.94 -23.46
CA GLU E 156 0.62 4.89 -24.34
C GLU E 156 0.38 3.60 -23.55
N ILE E 157 1.33 3.17 -22.74
CA ILE E 157 1.14 1.92 -21.94
C ILE E 157 0.02 2.14 -20.92
N ALA E 158 -0.03 3.34 -20.32
CA ALA E 158 -1.10 3.67 -19.34
C ALA E 158 -2.46 3.38 -19.97
N LEU E 159 -2.73 3.95 -21.15
CA LEU E 159 -3.99 3.63 -21.73
C LEU E 159 -4.17 2.20 -22.19
N TYR E 160 -3.16 1.56 -22.75
CA TYR E 160 -3.31 0.18 -23.26
C TYR E 160 -3.61 -0.78 -22.12
N THR E 161 -2.81 -0.72 -21.05
CA THR E 161 -3.12 -1.61 -19.90
C THR E 161 -4.51 -1.34 -19.36
N ALA E 162 -4.94 -0.07 -19.36
CA ALA E 162 -6.30 0.24 -18.92
C ALA E 162 -7.31 -0.49 -19.74
N LEU E 163 -7.10 -0.53 -21.05
CA LEU E 163 -8.07 -1.21 -21.93
C LEU E 163 -8.08 -2.73 -21.76
N VAL E 164 -6.94 -3.30 -21.42
CA VAL E 164 -6.85 -4.72 -21.10
C VAL E 164 -7.78 -5.11 -19.96
N LEU E 165 -7.74 -4.32 -18.88
CA LEU E 165 -8.56 -4.61 -17.69
C LEU E 165 -10.02 -4.37 -17.98
N ILE E 166 -10.33 -3.18 -18.52
CA ILE E 166 -11.68 -2.77 -18.81
C ILE E 166 -12.12 -3.28 -20.18
N ASN E 167 -12.41 -4.59 -20.28
CA ASN E 167 -12.84 -5.23 -21.52
C ASN E 167 -14.20 -5.81 -21.23
N ALA E 168 -15.17 -5.44 -22.04
CA ALA E 168 -16.56 -5.73 -21.78
C ALA E 168 -17.02 -7.07 -22.29
N HIS E 169 -16.13 -7.88 -22.86
CA HIS E 169 -16.53 -9.16 -23.43
C HIS E 169 -16.24 -10.33 -22.55
N ARG E 170 -15.91 -10.10 -21.28
CA ARG E 170 -15.47 -11.21 -20.42
C ARG E 170 -16.71 -12.00 -20.05
N PRO E 171 -16.64 -13.35 -20.12
CA PRO E 171 -17.75 -14.12 -19.60
C PRO E 171 -17.94 -13.92 -18.08
N GLY E 172 -19.20 -13.87 -17.64
CA GLY E 172 -19.53 -13.70 -16.24
C GLY E 172 -19.84 -12.29 -15.80
N LEU E 173 -19.83 -11.31 -16.71
CA LEU E 173 -20.16 -9.92 -16.35
C LEU E 173 -21.68 -9.76 -16.21
N GLN E 174 -22.12 -9.19 -15.09
CA GLN E 174 -23.54 -8.89 -14.90
C GLN E 174 -23.90 -7.62 -15.69
N GLU E 175 -23.25 -6.51 -15.35
CA GLU E 175 -23.54 -5.22 -15.95
C GLU E 175 -22.73 -5.01 -17.25
N LYS E 176 -23.07 -5.74 -18.32
CA LYS E 176 -22.34 -5.64 -19.59
C LYS E 176 -22.36 -4.23 -20.10
N ARG E 177 -23.56 -3.63 -20.22
CA ARG E 177 -23.72 -2.25 -20.73
C ARG E 177 -22.87 -1.24 -19.98
N LYS E 178 -22.81 -1.33 -18.66
CA LYS E 178 -22.06 -0.35 -17.88
C LYS E 178 -20.56 -0.41 -18.27
N VAL E 179 -20.04 -1.63 -18.46
CA VAL E 179 -18.62 -1.81 -18.78
C VAL E 179 -18.31 -1.35 -20.19
N GLU E 180 -19.25 -1.56 -21.12
CA GLU E 180 -19.05 -1.14 -22.52
C GLU E 180 -18.90 0.38 -22.56
N GLN E 181 -19.71 1.10 -21.77
CA GLN E 181 -19.63 2.59 -21.73
C GLN E 181 -18.26 3.01 -21.23
N LEU E 182 -17.75 2.35 -20.17
CA LEU E 182 -16.42 2.70 -19.64
C LEU E 182 -15.32 2.36 -20.65
N GLN E 183 -15.44 1.20 -21.32
CA GLN E 183 -14.44 0.79 -22.31
C GLN E 183 -14.44 1.74 -23.48
N TYR E 184 -15.60 1.99 -24.04
CA TYR E 184 -15.72 2.95 -25.14
C TYR E 184 -15.03 4.29 -24.81
N ASN E 185 -15.27 4.86 -23.63
CA ASN E 185 -14.64 6.14 -23.27
C ASN E 185 -13.12 6.03 -23.33
N LEU E 186 -12.56 4.93 -22.82
CA LEU E 186 -11.10 4.67 -22.97
C LEU E 186 -10.66 4.51 -24.41
N GLU E 187 -11.42 3.81 -25.25
CA GLU E 187 -11.06 3.74 -26.69
C GLU E 187 -11.09 5.15 -27.28
N LEU E 188 -12.14 5.93 -27.05
CA LEU E 188 -12.15 7.32 -27.58
C LEU E 188 -10.84 8.00 -27.17
N ALA E 189 -10.57 8.04 -25.88
CA ALA E 189 -9.36 8.73 -25.34
C ALA E 189 -8.10 8.25 -26.02
N PHE E 190 -7.88 6.95 -25.95
CA PHE E 190 -6.67 6.36 -26.51
C PHE E 190 -6.57 6.60 -27.98
N HIS E 191 -7.66 6.40 -28.74
CA HIS E 191 -7.65 6.69 -30.17
C HIS E 191 -7.16 8.10 -30.43
N HIS E 192 -7.72 9.08 -29.71
CA HIS E 192 -7.33 10.47 -29.93
C HIS E 192 -5.84 10.62 -29.73
N HIS E 193 -5.33 10.08 -28.63
CA HIS E 193 -3.96 10.36 -28.42
C HIS E 193 -3.06 9.77 -29.49
N LEU E 194 -3.42 8.55 -29.99
CA LEU E 194 -2.61 8.04 -31.13
C LEU E 194 -2.62 8.94 -32.38
N CYS E 195 -3.75 9.34 -32.62
CA CYS E 195 -3.94 10.37 -33.87
C CYS E 195 -3.11 11.64 -33.72
N LYS E 196 -3.11 12.27 -32.54
CA LYS E 196 -2.32 13.52 -32.38
C LYS E 196 -0.80 13.28 -32.51
N THR E 197 -0.37 12.04 -32.29
CA THR E 197 1.05 11.72 -32.45
C THR E 197 1.44 10.87 -33.71
N HIS E 198 0.51 10.67 -34.62
CA HIS E 198 0.76 9.87 -35.82
C HIS E 198 1.28 8.44 -35.52
N ARG E 199 0.74 7.76 -34.48
CA ARG E 199 1.09 6.38 -34.05
C ARG E 199 -0.11 5.37 -34.03
N GLN E 200 -1.10 5.46 -34.84
CA GLN E 200 -2.27 4.50 -34.77
C GLN E 200 -1.82 2.99 -35.02
N SER E 201 -0.90 2.73 -35.98
CA SER E 201 -0.45 1.31 -36.26
C SER E 201 0.30 0.52 -35.11
N ILE E 202 0.79 1.16 -34.04
CA ILE E 202 1.53 0.49 -33.10
C ILE E 202 0.77 -0.77 -32.33
N LEU E 203 -0.53 -0.61 -32.06
CA LEU E 203 -1.23 -1.69 -31.38
C LEU E 203 -1.28 -2.93 -32.23
N ALA E 204 -1.43 -2.79 -33.55
CA ALA E 204 -1.40 -3.98 -34.42
C ALA E 204 -0.11 -4.81 -34.26
N LYS E 205 1.02 -4.12 -34.12
CA LYS E 205 2.34 -4.76 -34.06
C LYS E 205 2.70 -5.37 -32.70
N LEU E 206 1.94 -5.05 -31.65
CA LEU E 206 2.17 -5.62 -30.34
C LEU E 206 1.79 -7.11 -30.38
N PRO E 207 2.63 -8.00 -29.81
CA PRO E 207 2.22 -9.39 -29.80
C PRO E 207 1.15 -9.69 -28.73
N PRO E 208 0.45 -10.82 -28.88
CA PRO E 208 -0.55 -11.17 -27.88
C PRO E 208 0.15 -11.70 -26.63
N ALA E 209 -0.21 -11.17 -25.45
CA ALA E 209 0.33 -11.64 -24.20
C ALA E 209 -0.67 -12.49 -23.39
N GLY E 210 -1.87 -12.70 -23.90
CA GLY E 210 -2.96 -13.37 -23.20
C GLY E 210 -2.60 -14.78 -22.79
N LYS E 211 -2.10 -15.56 -23.74
CA LYS E 211 -1.75 -16.96 -23.50
C LYS E 211 -0.53 -17.06 -22.60
N LEU E 212 0.43 -16.16 -22.74
CA LEU E 212 1.59 -16.17 -21.82
C LEU E 212 1.11 -15.95 -20.40
N ALA E 213 0.29 -14.92 -20.18
CA ALA E 213 -0.28 -14.69 -18.86
C ALA E 213 -1.13 -15.86 -18.41
N SER E 214 -1.90 -16.49 -19.32
CA SER E 214 -2.68 -17.65 -18.88
C SER E 214 -1.76 -18.69 -18.20
N LEU E 215 -0.59 -18.96 -18.81
CA LEU E 215 0.36 -19.90 -18.27
C LEU E 215 0.93 -19.46 -16.96
N CYS E 216 1.33 -18.19 -16.86
CA CYS E 216 1.84 -17.69 -15.58
C CYS E 216 0.82 -17.89 -14.46
N SER E 217 -0.44 -17.55 -14.72
CA SER E 217 -1.52 -17.83 -13.74
C SER E 217 -1.64 -19.32 -13.40
N GLN E 218 -1.50 -20.21 -14.38
CA GLN E 218 -1.53 -21.64 -14.10
C GLN E 218 -0.41 -22.08 -13.17
N HIS E 219 0.81 -21.55 -13.37
CA HIS E 219 1.90 -21.84 -12.44
C HIS E 219 1.63 -21.28 -11.05
N VAL E 220 1.09 -20.05 -10.96
CA VAL E 220 0.83 -19.47 -9.63
C VAL E 220 -0.14 -20.40 -8.89
N GLU E 221 -1.21 -20.78 -9.57
CA GLU E 221 -2.20 -21.70 -9.01
C GLU E 221 -1.60 -23.06 -8.65
N ARG E 222 -0.71 -23.57 -9.51
CA ARG E 222 -0.08 -24.87 -9.27
C ARG E 222 0.57 -24.90 -7.90
N LEU E 223 1.31 -23.85 -7.55
CA LEU E 223 2.01 -23.82 -6.28
C LEU E 223 1.11 -23.75 -5.07
N GLN E 224 -0.02 -23.02 -5.18
CA GLN E 224 -0.94 -22.95 -4.05
C GLN E 224 -1.67 -24.28 -3.84
N ILE E 225 -1.98 -25.01 -4.90
CA ILE E 225 -2.69 -26.29 -4.80
C ILE E 225 -1.80 -27.32 -4.14
N PHE E 226 -0.52 -27.31 -4.52
CA PHE E 226 0.48 -28.26 -4.05
C PHE E 226 1.43 -27.79 -2.96
N GLN E 227 1.12 -26.69 -2.29
CA GLN E 227 2.02 -26.16 -1.27
C GLN E 227 2.30 -27.08 -0.06
N HIS E 228 1.34 -27.91 0.32
CA HIS E 228 1.56 -28.81 1.46
C HIS E 228 2.72 -29.78 1.24
N LEU E 229 2.85 -30.27 0.01
CA LEU E 229 3.93 -31.19 -0.37
C LEU E 229 5.33 -30.56 -0.33
N HIS E 230 5.38 -29.25 -0.51
CA HIS E 230 6.64 -28.53 -0.51
C HIS E 230 6.92 -27.93 0.88
N PRO E 231 8.03 -27.22 0.98
CA PRO E 231 8.44 -26.59 2.23
C PRO E 231 7.57 -25.39 2.58
N ILE E 232 7.55 -25.02 3.84
CA ILE E 232 6.76 -23.91 4.31
C ILE E 232 7.19 -22.60 3.54
N VAL E 233 6.25 -21.84 3.17
CA VAL E 233 6.49 -20.53 2.37
C VAL E 233 7.36 -19.56 3.18
N GLY F 4 -8.06 -19.08 -7.56
CA GLY F 4 -6.63 -18.90 -7.42
C GLY F 4 -6.25 -17.45 -7.24
N LEU F 5 -6.30 -16.69 -8.33
CA LEU F 5 -5.98 -15.27 -8.26
C LEU F 5 -7.10 -14.55 -7.53
N GLU F 6 -8.30 -15.11 -7.63
CA GLU F 6 -9.46 -14.51 -6.98
C GLU F 6 -9.24 -14.18 -5.52
N ALA F 7 -8.66 -15.11 -4.77
CA ALA F 7 -8.45 -14.86 -3.36
C ALA F 7 -7.52 -13.67 -3.17
N ILE F 8 -6.46 -13.62 -3.96
CA ILE F 8 -5.53 -12.51 -3.86
C ILE F 8 -6.22 -11.22 -4.28
N ILE F 9 -7.02 -11.30 -5.34
CA ILE F 9 -7.75 -10.16 -5.85
C ILE F 9 -8.79 -9.62 -4.88
N ARG F 10 -9.51 -10.53 -4.23
CA ARG F 10 -10.55 -10.12 -3.30
C ARG F 10 -9.96 -9.34 -2.14
N LYS F 11 -8.83 -9.81 -1.63
CA LYS F 11 -8.16 -9.15 -0.54
C LYS F 11 -7.68 -7.77 -1.00
N ALA F 12 -7.16 -7.70 -2.20
CA ALA F 12 -6.66 -6.45 -2.76
C ALA F 12 -7.76 -5.41 -2.89
N LEU F 13 -8.94 -5.85 -3.32
CA LEU F 13 -10.07 -4.94 -3.51
C LEU F 13 -10.50 -4.29 -2.20
N MET F 14 -10.66 -5.09 -1.15
CA MET F 14 -11.03 -4.56 0.17
C MET F 14 -9.74 -4.15 0.89
N GLY F 15 -9.03 -3.12 0.42
CA GLY F 15 -7.75 -2.66 1.07
C GLY F 15 -7.61 -1.15 1.28
N SER G 6 31.27 15.88 8.12
CA SER G 6 29.99 16.56 8.22
C SER G 6 29.07 16.14 7.09
N LEU G 7 28.44 14.98 7.23
CA LEU G 7 27.57 14.45 6.21
C LEU G 7 26.36 15.34 5.94
N THR G 8 25.78 15.89 6.99
CA THR G 8 24.61 16.74 6.83
C THR G 8 24.90 18.02 6.05
N GLU G 9 26.09 18.60 6.24
CA GLU G 9 26.43 19.85 5.58
C GLU G 9 26.40 19.71 4.06
N ILE G 10 26.93 18.61 3.54
CA ILE G 10 26.93 18.41 2.11
C ILE G 10 25.52 18.11 1.63
N GLU G 11 24.82 17.26 2.38
CA GLU G 11 23.45 16.93 1.98
C GLU G 11 22.63 18.19 1.73
N HIS G 12 22.82 19.21 2.57
CA HIS G 12 22.08 20.44 2.39
C HIS G 12 22.45 21.10 1.07
N LEU G 13 23.74 21.14 0.77
CA LEU G 13 24.21 21.78 -0.45
C LEU G 13 23.55 21.14 -1.66
N VAL G 14 23.44 19.82 -1.63
CA VAL G 14 22.80 19.13 -2.73
C VAL G 14 21.37 19.61 -2.86
N GLN G 15 20.70 19.78 -1.72
CA GLN G 15 19.30 20.22 -1.74
C GLN G 15 19.20 21.69 -2.15
N SER G 16 20.13 22.52 -1.68
CA SER G 16 20.08 23.95 -2.00
C SER G 16 20.27 24.16 -3.50
N VAL G 17 21.27 23.50 -4.06
CA VAL G 17 21.53 23.58 -5.51
C VAL G 17 20.34 23.05 -6.34
N CYS G 18 19.71 21.96 -5.94
CA CYS G 18 18.54 21.46 -6.69
C CYS G 18 17.38 22.45 -6.66
N LYS G 19 17.13 23.04 -5.49
CA LYS G 19 16.09 24.07 -5.37
C LYS G 19 16.37 25.19 -6.40
N SER G 20 17.61 25.69 -6.42
CA SER G 20 17.98 26.75 -7.35
C SER G 20 17.75 26.39 -8.82
N TYR G 21 18.10 25.16 -9.22
CA TYR G 21 17.84 24.71 -10.58
C TYR G 21 16.32 24.70 -10.86
N ARG G 22 15.54 23.99 -10.04
CA ARG G 22 14.08 23.86 -10.32
C ARG G 22 13.39 25.24 -10.33
N GLU G 23 13.64 26.07 -9.32
CA GLU G 23 13.11 27.45 -9.30
C GLU G 23 13.44 28.22 -10.59
N THR G 24 14.63 28.02 -11.13
CA THR G 24 15.07 28.78 -12.30
C THR G 24 14.98 28.11 -13.68
N CYS G 25 14.37 26.93 -13.75
CA CYS G 25 14.13 26.28 -15.06
C CYS G 25 13.10 27.13 -15.81
N GLN G 26 13.22 27.31 -17.12
CA GLN G 26 12.19 28.11 -17.84
C GLN G 26 10.84 27.36 -17.73
N LEU G 27 10.88 26.06 -17.95
CA LEU G 27 9.68 25.19 -17.86
C LEU G 27 10.03 24.00 -16.96
N ARG G 28 9.07 23.51 -16.18
CA ARG G 28 9.31 22.35 -15.28
C ARG G 28 9.54 21.09 -16.13
N LEU G 29 10.31 20.13 -15.62
CA LEU G 29 10.56 18.86 -16.34
C LEU G 29 9.25 18.08 -16.50
N GLU G 30 8.42 18.06 -15.48
CA GLU G 30 7.15 17.29 -15.52
C GLU G 30 6.27 17.84 -16.64
N ASP G 31 6.18 19.15 -16.77
CA ASP G 31 5.34 19.76 -17.85
C ASP G 31 5.82 19.25 -19.20
N LEU G 32 7.12 19.37 -19.46
CA LEU G 32 7.68 19.00 -20.80
C LEU G 32 7.41 17.52 -21.14
N LEU G 33 7.58 16.61 -20.17
CA LEU G 33 7.32 15.18 -20.46
C LEU G 33 5.85 15.00 -20.82
N ARG G 34 4.97 15.68 -20.11
CA ARG G 34 3.50 15.62 -20.36
C ARG G 34 3.20 16.16 -21.76
N GLN G 35 3.89 17.22 -22.19
CA GLN G 35 3.63 17.85 -23.51
C GLN G 35 4.24 17.06 -24.67
N ARG G 36 5.08 16.06 -24.39
CA ARG G 36 5.80 15.29 -25.44
C ARG G 36 4.81 14.77 -26.50
N SER G 37 3.60 14.37 -26.08
CA SER G 37 2.56 13.88 -27.03
C SER G 37 2.23 14.99 -28.04
N ASN G 38 2.15 16.25 -27.61
CA ASN G 38 1.90 17.37 -28.55
C ASN G 38 3.10 17.42 -29.50
N ILE G 39 2.86 17.54 -30.81
CA ILE G 39 3.95 17.52 -31.79
C ILE G 39 3.60 18.48 -32.91
N PHE G 40 4.59 19.14 -33.52
CA PHE G 40 4.33 20.08 -34.64
C PHE G 40 3.79 19.31 -35.83
N SER G 41 2.78 19.86 -36.49
CA SER G 41 2.16 19.22 -37.65
C SER G 41 3.03 19.47 -38.86
N ARG G 42 3.04 18.58 -39.84
CA ARG G 42 3.89 18.73 -41.04
C ARG G 42 3.73 20.09 -41.68
N GLU G 43 2.55 20.69 -41.59
CA GLU G 43 2.29 22.01 -42.13
C GLU G 43 2.99 23.07 -41.31
N GLU G 44 2.93 22.95 -39.99
CA GLU G 44 3.67 23.87 -39.09
C GLU G 44 5.18 23.81 -39.35
N VAL G 45 5.72 22.60 -39.57
CA VAL G 45 7.16 22.43 -39.83
C VAL G 45 7.57 23.20 -41.07
N THR G 46 6.90 22.92 -42.19
CA THR G 46 7.17 23.64 -43.45
C THR G 46 7.05 25.15 -43.24
N GLY G 47 6.09 25.59 -42.41
CA GLY G 47 5.95 27.00 -42.04
C GLY G 47 7.25 27.59 -41.55
N TYR G 48 7.88 26.90 -40.58
CA TYR G 48 9.19 27.31 -40.06
C TYR G 48 10.26 27.28 -41.18
N GLN G 49 10.27 26.26 -42.03
CA GLN G 49 11.25 26.18 -43.13
C GLN G 49 11.14 27.33 -44.15
N ARG G 50 9.94 27.88 -44.34
CA ARG G 50 9.76 29.03 -45.25
C ARG G 50 10.34 30.36 -44.71
N LYS G 51 10.61 30.46 -43.41
CA LYS G 51 11.16 31.71 -42.83
C LYS G 51 12.55 31.99 -43.41
N SER G 52 12.93 33.27 -43.50
CA SER G 52 14.23 33.61 -44.03
C SER G 52 15.29 33.25 -42.98
N MET G 53 16.51 33.03 -43.46
CA MET G 53 17.61 32.73 -42.57
C MET G 53 17.65 33.73 -41.42
N TRP G 54 17.58 35.01 -41.73
CA TRP G 54 17.63 36.03 -40.64
C TRP G 54 16.43 35.90 -39.65
N GLU G 55 15.20 35.72 -40.15
CA GLU G 55 14.03 35.59 -39.19
C GLU G 55 14.23 34.31 -38.27
N MET G 56 14.63 33.16 -38.84
CA MET G 56 14.82 31.92 -38.00
C MET G 56 15.98 32.17 -36.97
N TRP G 57 17.08 32.75 -37.44
CA TRP G 57 18.17 33.09 -36.51
C TRP G 57 17.74 34.16 -35.48
N GLU G 58 16.97 35.13 -35.94
CA GLU G 58 16.48 36.14 -34.97
C GLU G 58 15.60 35.41 -33.87
N ARG G 59 14.67 34.51 -34.28
CA ARG G 59 13.82 33.81 -33.24
C ARG G 59 14.72 32.94 -32.30
N CYS G 60 15.59 32.16 -32.93
CA CYS G 60 16.46 31.26 -32.14
C CYS G 60 17.42 32.06 -31.22
N ALA G 61 17.96 33.14 -31.76
CA ALA G 61 18.91 33.95 -31.01
C ALA G 61 18.24 34.54 -29.80
N HIS G 62 17.00 34.99 -29.96
CA HIS G 62 16.26 35.56 -28.85
C HIS G 62 16.04 34.53 -27.76
N HIS G 63 15.71 33.31 -28.17
CA HIS G 63 15.48 32.23 -27.22
C HIS G 63 16.75 31.91 -26.44
N LEU G 64 17.88 31.90 -27.13
CA LEU G 64 19.14 31.64 -26.45
C LEU G 64 19.38 32.71 -25.40
N THR G 65 19.18 33.98 -25.74
CA THR G 65 19.42 35.09 -24.79
C THR G 65 18.45 35.08 -23.61
N GLU G 66 17.17 34.81 -23.85
CA GLU G 66 16.22 34.63 -22.76
C GLU G 66 16.70 33.56 -21.81
N ALA G 67 17.11 32.42 -22.34
CA ALA G 67 17.57 31.31 -21.49
C ALA G 67 18.79 31.69 -20.68
N ILE G 68 19.76 32.34 -21.33
CA ILE G 68 20.96 32.85 -20.63
C ILE G 68 20.52 33.61 -19.39
N GLN G 69 19.51 34.46 -19.53
CA GLN G 69 19.04 35.29 -18.41
C GLN G 69 18.66 34.39 -17.24
N TYR G 70 17.88 33.34 -17.52
CA TYR G 70 17.49 32.44 -16.46
C TYR G 70 18.74 31.71 -15.88
N VAL G 71 19.75 31.44 -16.71
CA VAL G 71 20.97 30.83 -16.17
C VAL G 71 21.69 31.78 -15.22
N VAL G 72 21.75 33.07 -15.51
CA VAL G 72 22.35 34.03 -14.58
C VAL G 72 21.64 33.99 -13.22
N GLU G 73 20.33 33.87 -13.21
CA GLU G 73 19.61 33.69 -11.96
C GLU G 73 20.04 32.43 -11.23
N PHE G 74 20.22 31.33 -11.96
CA PHE G 74 20.71 30.07 -11.37
C PHE G 74 22.00 30.35 -10.63
N ALA G 75 22.93 31.04 -11.27
CA ALA G 75 24.21 31.35 -10.65
C ALA G 75 24.07 32.19 -9.38
N LYS G 76 23.17 33.17 -9.42
CA LYS G 76 22.90 34.03 -8.25
C LYS G 76 22.52 33.20 -7.02
N ARG G 77 21.65 32.21 -7.23
CA ARG G 77 21.15 31.37 -6.12
C ARG G 77 22.12 30.32 -5.56
N LEU G 78 23.25 30.10 -6.22
CA LEU G 78 24.27 29.16 -5.73
C LEU G 78 25.02 29.75 -4.55
N SER G 79 25.13 29.01 -3.46
CA SER G 79 25.84 29.43 -2.26
C SER G 79 27.20 29.98 -2.69
N GLY G 80 27.46 31.23 -2.35
CA GLY G 80 28.79 31.81 -2.51
C GLY G 80 29.02 32.63 -3.77
N PHE G 81 28.14 32.55 -4.75
CA PHE G 81 28.40 33.24 -6.02
C PHE G 81 28.38 34.75 -5.81
N MET G 82 27.44 35.26 -5.03
CA MET G 82 27.37 36.70 -4.81
C MET G 82 28.64 37.23 -4.15
N GLU G 83 29.13 36.52 -3.15
CA GLU G 83 30.40 36.89 -2.48
C GLU G 83 31.58 37.18 -3.45
N LEU G 84 31.58 36.62 -4.66
CA LEU G 84 32.69 36.83 -5.62
C LEU G 84 32.62 38.23 -6.21
N CYS G 85 33.76 38.78 -6.56
CA CYS G 85 33.75 40.11 -7.14
C CYS G 85 33.09 40.03 -8.51
N GLN G 86 32.63 41.17 -9.02
CA GLN G 86 31.92 41.18 -10.30
C GLN G 86 32.77 40.66 -11.46
N ASN G 87 34.07 40.90 -11.41
CA ASN G 87 34.93 40.44 -12.47
C ASN G 87 34.85 38.92 -12.52
N ASP G 88 34.84 38.30 -11.36
CA ASP G 88 34.74 36.84 -11.33
C ASP G 88 33.33 36.38 -11.72
N GLN G 89 32.31 37.07 -11.21
CA GLN G 89 30.92 36.72 -11.58
C GLN G 89 30.71 36.78 -13.08
N ILE G 90 31.18 37.84 -13.74
CA ILE G 90 31.06 37.99 -15.18
C ILE G 90 31.93 36.96 -15.92
N VAL G 91 33.16 36.74 -15.45
CA VAL G 91 34.06 35.82 -16.16
C VAL G 91 33.45 34.43 -16.21
N LEU G 92 32.93 33.97 -15.08
CA LEU G 92 32.40 32.60 -14.97
C LEU G 92 31.19 32.45 -15.91
N LEU G 93 30.29 33.41 -15.86
CA LEU G 93 29.14 33.39 -16.76
C LEU G 93 29.51 33.47 -18.28
N LYS G 94 30.51 34.24 -18.68
CA LYS G 94 30.91 34.25 -20.11
C LYS G 94 31.34 32.88 -20.59
N ALA G 95 32.13 32.19 -19.77
CA ALA G 95 32.71 30.90 -20.20
C ALA G 95 31.71 29.76 -20.14
N GLY G 96 30.84 29.78 -19.14
CA GLY G 96 29.98 28.65 -18.82
C GLY G 96 28.51 28.80 -19.12
N ALA G 97 28.02 30.03 -19.21
CA ALA G 97 26.58 30.17 -19.18
C ALA G 97 25.93 29.60 -20.42
N MET G 98 26.53 29.77 -21.58
CA MET G 98 25.92 29.16 -22.80
C MET G 98 25.98 27.66 -22.72
N GLU G 99 27.03 27.07 -22.19
CA GLU G 99 27.09 25.61 -22.06
C GLU G 99 25.96 25.08 -21.20
N VAL G 100 25.60 25.80 -20.12
CA VAL G 100 24.45 25.36 -19.31
C VAL G 100 23.24 25.44 -20.16
N VAL G 101 23.11 26.52 -20.96
CA VAL G 101 21.89 26.68 -21.77
C VAL G 101 21.69 25.47 -22.65
N LEU G 102 22.74 25.06 -23.37
CA LEU G 102 22.61 23.92 -24.26
C LEU G 102 22.19 22.73 -23.46
N VAL G 103 22.84 22.47 -22.32
CA VAL G 103 22.44 21.33 -21.53
C VAL G 103 20.94 21.39 -21.24
N ARG G 104 20.39 22.55 -20.85
CA ARG G 104 18.99 22.60 -20.40
C ARG G 104 18.07 22.33 -21.61
N MET G 105 18.31 23.05 -22.71
CA MET G 105 17.51 22.88 -23.91
C MET G 105 17.60 21.46 -24.42
N CYS G 106 18.82 20.98 -24.48
CA CYS G 106 19.07 19.57 -24.87
C CYS G 106 18.39 18.60 -23.82
N ARG G 107 18.38 18.93 -22.52
CA ARG G 107 17.64 18.08 -21.54
C ARG G 107 16.11 17.92 -21.95
N ALA G 108 15.53 18.97 -22.54
CA ALA G 108 14.11 18.99 -23.02
C ALA G 108 14.02 18.25 -24.37
N TYR G 109 14.21 16.92 -24.39
CA TYR G 109 14.33 16.13 -25.69
C TYR G 109 13.68 14.74 -25.62
N ASN G 110 13.29 14.18 -26.75
CA ASN G 110 12.69 12.85 -26.74
C ASN G 110 13.46 11.94 -27.69
N ALA G 111 14.19 10.97 -27.17
CA ALA G 111 15.01 10.07 -28.02
C ALA G 111 14.19 9.09 -28.88
N ASP G 112 13.00 8.73 -28.43
CA ASP G 112 12.12 7.78 -29.16
C ASP G 112 11.81 8.29 -30.58
N ASN G 113 11.48 9.56 -30.70
CA ASN G 113 11.16 10.29 -31.93
C ASN G 113 12.20 11.34 -32.39
N ARG G 114 13.39 11.38 -31.78
CA ARG G 114 14.40 12.42 -32.05
C ARG G 114 13.86 13.88 -32.19
N THR G 115 13.05 14.35 -31.23
CA THR G 115 12.40 15.66 -31.31
C THR G 115 12.69 16.52 -30.09
N VAL G 116 12.70 17.87 -30.25
CA VAL G 116 13.06 18.78 -29.15
C VAL G 116 11.91 19.73 -28.82
N PHE G 117 11.66 20.06 -27.53
CA PHE G 117 10.64 21.09 -27.19
C PHE G 117 11.10 22.42 -27.74
N PHE G 118 10.32 23.03 -28.63
CA PHE G 118 10.67 24.32 -29.21
C PHE G 118 9.44 25.18 -29.39
N GLU G 119 9.39 26.32 -28.71
CA GLU G 119 8.27 27.23 -28.85
C GLU G 119 6.91 26.51 -28.72
N GLY G 120 6.74 25.75 -27.63
CA GLY G 120 5.40 25.29 -27.25
C GLY G 120 5.03 23.86 -27.61
N LYS G 121 5.71 23.33 -28.63
CA LYS G 121 5.46 21.94 -29.10
C LYS G 121 6.79 21.25 -29.45
N TYR G 122 6.71 20.00 -29.90
CA TYR G 122 7.94 19.24 -30.25
C TYR G 122 8.07 19.16 -31.78
N GLY G 123 9.24 19.56 -32.28
CA GLY G 123 9.59 19.53 -33.71
C GLY G 123 10.99 18.97 -33.85
N GLY G 124 11.27 18.12 -34.87
CA GLY G 124 12.50 17.41 -35.18
C GLY G 124 13.54 18.35 -35.73
N MET G 125 14.65 17.78 -36.17
CA MET G 125 15.77 18.55 -36.73
C MET G 125 15.35 19.36 -37.94
N GLU G 126 14.47 18.80 -38.78
CA GLU G 126 13.95 19.47 -39.99
C GLU G 126 13.31 20.83 -39.69
N LEU G 127 12.78 21.02 -38.48
CA LEU G 127 12.19 22.31 -38.10
C LEU G 127 13.16 23.51 -38.24
N PHE G 128 14.46 23.25 -38.08
CA PHE G 128 15.48 24.27 -38.10
C PHE G 128 16.23 24.47 -39.44
N ARG G 129 15.73 23.92 -40.55
CA ARG G 129 16.42 24.04 -41.85
C ARG G 129 16.71 25.52 -42.27
N ALA G 130 15.81 26.45 -41.92
CA ALA G 130 16.02 27.85 -42.26
C ALA G 130 17.31 28.45 -41.71
N LEU G 131 17.80 27.96 -40.56
CA LEU G 131 19.09 28.46 -40.01
C LEU G 131 20.26 28.28 -40.97
N GLY G 132 20.23 27.20 -41.75
CA GLY G 132 21.21 26.99 -42.81
C GLY G 132 22.59 26.65 -42.31
N CYS G 133 22.70 26.12 -41.08
CA CYS G 133 23.94 25.61 -40.52
C CYS G 133 23.69 24.19 -40.10
N SER G 134 23.31 23.35 -41.05
CA SER G 134 23.04 21.95 -40.78
C SER G 134 24.17 21.23 -40.05
N GLU G 135 25.44 21.57 -40.30
CA GLU G 135 26.51 20.93 -39.54
C GLU G 135 26.34 21.23 -38.05
N LEU G 136 25.98 22.48 -37.70
CA LEU G 136 25.78 22.80 -36.28
C LEU G 136 24.53 22.15 -35.73
N ILE G 137 23.45 22.19 -36.49
CA ILE G 137 22.20 21.66 -35.98
C ILE G 137 22.30 20.15 -35.72
N SER G 138 22.83 19.42 -36.70
CA SER G 138 22.93 17.96 -36.53
C SER G 138 23.88 17.62 -35.30
N SER G 139 25.02 18.32 -35.16
CA SER G 139 25.90 18.05 -33.98
C SER G 139 25.07 18.34 -32.65
N ILE G 140 24.29 19.45 -32.59
CA ILE G 140 23.50 19.74 -31.36
C ILE G 140 22.49 18.58 -31.11
N PHE G 141 21.85 18.09 -32.17
CA PHE G 141 20.91 16.97 -31.98
C PHE G 141 21.64 15.67 -31.54
N ASP G 142 22.84 15.43 -32.04
CA ASP G 142 23.64 14.28 -31.57
C ASP G 142 23.91 14.45 -30.09
N PHE G 143 24.41 15.60 -29.68
CA PHE G 143 24.75 15.82 -28.27
C PHE G 143 23.54 15.55 -27.40
N SER G 144 22.40 16.06 -27.81
CA SER G 144 21.12 15.75 -27.13
C SER G 144 20.78 14.27 -27.04
N HIS G 145 21.00 13.51 -28.11
CA HIS G 145 20.68 12.06 -28.11
C HIS G 145 21.59 11.28 -27.13
N SER G 146 22.89 11.61 -27.17
CA SER G 146 23.85 11.04 -26.20
C SER G 146 23.51 11.35 -24.75
N LEU G 147 23.12 12.61 -24.54
CA LEU G 147 22.70 13.05 -23.19
C LEU G 147 21.41 12.27 -22.77
N SER G 148 20.47 12.13 -23.68
CA SER G 148 19.23 11.32 -23.32
C SER G 148 19.65 9.86 -22.90
N ALA G 149 20.67 9.31 -23.57
CA ALA G 149 21.11 7.94 -23.18
C ALA G 149 21.60 7.93 -21.68
N LEU G 150 22.21 9.02 -21.21
CA LEU G 150 22.69 9.06 -19.81
C LEU G 150 21.54 9.00 -18.75
N HIS G 151 20.37 9.51 -19.11
CA HIS G 151 19.20 9.55 -18.22
C HIS G 151 19.50 10.30 -16.92
N PHE G 152 20.10 11.50 -16.97
CA PHE G 152 20.42 12.17 -15.69
C PHE G 152 19.07 12.49 -14.93
N SER G 153 19.13 12.53 -13.61
CA SER G 153 17.95 12.99 -12.82
C SER G 153 17.92 14.52 -12.80
N GLU G 154 16.86 15.13 -12.28
CA GLU G 154 16.81 16.62 -12.22
C GLU G 154 17.97 17.08 -11.32
N ASP G 155 18.17 16.39 -10.18
CA ASP G 155 19.27 16.68 -9.23
C ASP G 155 20.62 16.53 -9.95
N GLU G 156 20.81 15.49 -10.74
CA GLU G 156 22.12 15.32 -11.38
C GLU G 156 22.44 16.48 -12.32
N ILE G 157 21.52 16.83 -13.21
CA ILE G 157 21.73 18.01 -14.05
C ILE G 157 21.93 19.27 -13.22
N ALA G 158 21.21 19.43 -12.11
CA ALA G 158 21.41 20.63 -11.31
C ALA G 158 22.86 20.73 -10.85
N LEU G 159 23.35 19.65 -10.25
CA LEU G 159 24.72 19.66 -9.76
C LEU G 159 25.75 19.80 -10.89
N TYR G 160 25.57 19.09 -12.00
CA TYR G 160 26.55 19.16 -13.10
C TYR G 160 26.58 20.54 -13.69
N THR G 161 25.42 21.11 -14.03
CA THR G 161 25.43 22.49 -14.55
C THR G 161 26.04 23.46 -13.57
N ALA G 162 25.83 23.24 -12.27
CA ALA G 162 26.46 24.11 -11.27
C ALA G 162 27.95 24.04 -11.38
N LEU G 163 28.49 22.85 -11.58
CA LEU G 163 29.95 22.71 -11.70
C LEU G 163 30.52 23.34 -12.98
N VAL G 164 29.76 23.33 -14.05
CA VAL G 164 30.16 23.99 -15.29
C VAL G 164 30.38 25.48 -15.07
N LEU G 165 29.44 26.14 -14.37
CA LEU G 165 29.54 27.58 -14.12
C LEU G 165 30.66 27.87 -13.17
N ILE G 166 30.68 27.18 -12.03
CA ILE G 166 31.66 27.39 -10.99
C ILE G 166 32.90 26.54 -11.24
N ASN G 167 33.71 26.99 -12.20
CA ASN G 167 34.93 26.32 -12.60
C ASN G 167 36.03 27.29 -12.39
N ALA G 168 37.02 26.89 -11.62
CA ALA G 168 38.06 27.77 -11.17
C ALA G 168 39.20 27.93 -12.13
N HIS G 169 39.15 27.29 -13.30
CA HIS G 169 40.29 27.33 -14.21
C HIS G 169 40.11 28.35 -15.33
N ARG G 170 39.06 29.19 -15.26
CA ARG G 170 38.73 30.07 -16.35
C ARG G 170 39.70 31.21 -16.37
N PRO G 171 40.26 31.54 -17.55
CA PRO G 171 41.21 32.67 -17.55
C PRO G 171 40.54 34.00 -17.21
N GLY G 172 41.26 34.84 -16.47
CA GLY G 172 40.77 36.18 -16.09
C GLY G 172 40.17 36.25 -14.68
N LEU G 173 40.22 35.17 -13.92
CA LEU G 173 39.74 35.20 -12.52
C LEU G 173 40.69 35.91 -11.58
N GLN G 174 40.19 36.88 -10.81
CA GLN G 174 41.01 37.56 -9.80
C GLN G 174 41.17 36.66 -8.56
N GLU G 175 40.04 36.32 -7.94
CA GLU G 175 40.05 35.50 -6.73
C GLU G 175 40.05 33.99 -7.07
N LYS G 176 41.15 33.47 -7.58
CA LYS G 176 41.21 32.06 -7.97
C LYS G 176 41.00 31.08 -6.82
N ARG G 177 41.65 31.36 -5.69
CA ARG G 177 41.49 30.55 -4.46
C ARG G 177 40.02 30.52 -3.97
N LYS G 178 39.34 31.66 -3.98
CA LYS G 178 37.98 31.71 -3.48
C LYS G 178 37.07 30.78 -4.32
N VAL G 179 37.26 30.80 -5.64
CA VAL G 179 36.41 30.02 -6.54
C VAL G 179 36.71 28.53 -6.42
N GLU G 180 37.99 28.16 -6.36
CA GLU G 180 38.29 26.76 -6.09
C GLU G 180 37.64 26.24 -4.84
N GLN G 181 37.56 27.04 -3.77
CA GLN G 181 36.91 26.57 -2.54
C GLN G 181 35.46 26.23 -2.85
N LEU G 182 34.78 27.16 -3.52
CA LEU G 182 33.37 26.92 -3.86
C LEU G 182 33.20 25.70 -4.80
N GLN G 183 34.12 25.54 -5.76
CA GLN G 183 34.04 24.41 -6.69
C GLN G 183 34.27 23.12 -5.96
N TYR G 184 35.34 23.04 -5.18
CA TYR G 184 35.61 21.85 -4.38
C TYR G 184 34.37 21.40 -3.59
N ASN G 185 33.71 22.33 -2.89
CA ASN G 185 32.54 21.97 -2.08
C ASN G 185 31.46 21.32 -2.97
N LEU G 186 31.22 21.89 -4.15
CA LEU G 186 30.31 21.26 -5.12
C LEU G 186 30.76 19.89 -5.60
N GLU G 187 32.07 19.71 -5.87
CA GLU G 187 32.54 18.36 -6.25
C GLU G 187 32.29 17.40 -5.11
N LEU G 188 32.65 17.77 -3.87
CA LEU G 188 32.36 16.87 -2.74
C LEU G 188 30.88 16.46 -2.80
N ALA G 189 30.00 17.45 -2.80
CA ALA G 189 28.54 17.21 -2.79
C ALA G 189 28.11 16.28 -3.92
N PHE G 190 28.44 16.68 -5.13
CA PHE G 190 28.05 15.91 -6.30
C PHE G 190 28.65 14.49 -6.26
N HIS G 191 29.92 14.38 -5.93
CA HIS G 191 30.49 13.04 -5.79
C HIS G 191 29.70 12.15 -4.83
N HIS G 192 29.33 12.69 -3.67
CA HIS G 192 28.55 11.92 -2.71
C HIS G 192 27.25 11.44 -3.36
N HIS G 193 26.54 12.35 -4.03
CA HIS G 193 25.27 12.01 -4.63
C HIS G 193 25.41 10.89 -5.66
N LEU G 194 26.47 10.90 -6.46
CA LEU G 194 26.65 9.83 -7.44
C LEU G 194 26.90 8.48 -6.75
N CYS G 195 27.74 8.50 -5.69
CA CYS G 195 28.01 7.30 -4.90
C CYS G 195 26.76 6.70 -4.27
N LYS G 196 25.90 7.52 -3.66
CA LYS G 196 24.68 6.95 -3.03
C LYS G 196 23.70 6.32 -4.05
N THR G 197 23.78 6.72 -5.31
CA THR G 197 22.92 6.17 -6.38
C THR G 197 23.69 5.24 -7.34
N HIS G 198 24.93 4.88 -7.03
CA HIS G 198 25.69 3.96 -7.90
C HIS G 198 25.78 4.41 -9.38
N ARG G 199 26.05 5.70 -9.64
CA ARG G 199 26.15 6.25 -11.01
C ARG G 199 27.42 7.05 -11.27
N GLN G 200 28.52 6.62 -10.65
CA GLN G 200 29.77 7.37 -10.68
C GLN G 200 30.25 7.57 -12.10
N SER G 201 30.08 6.54 -12.91
CA SER G 201 30.58 6.58 -14.31
C SER G 201 29.81 7.47 -15.37
N ILE G 202 28.61 8.00 -15.09
CA ILE G 202 27.87 8.83 -16.11
C ILE G 202 28.69 10.11 -16.59
N LEU G 203 29.43 10.80 -15.72
CA LEU G 203 30.16 12.05 -16.16
C LEU G 203 31.21 11.72 -17.28
N ALA G 204 31.92 10.62 -17.14
CA ALA G 204 32.91 10.26 -18.18
C ALA G 204 32.25 10.13 -19.58
N LYS G 205 31.05 9.54 -19.60
CA LYS G 205 30.34 9.23 -20.85
C LYS G 205 29.63 10.45 -21.51
N LEU G 206 29.48 11.55 -20.77
CA LEU G 206 28.89 12.74 -21.32
C LEU G 206 29.78 13.36 -22.37
N PRO G 207 29.24 13.78 -23.53
CA PRO G 207 30.14 14.41 -24.47
C PRO G 207 30.45 15.86 -24.09
N PRO G 208 31.56 16.39 -24.62
CA PRO G 208 31.88 17.79 -24.35
C PRO G 208 31.00 18.67 -25.19
N ALA G 209 30.34 19.66 -24.58
CA ALA G 209 29.47 20.60 -25.29
C ALA G 209 30.10 22.00 -25.44
N GLY G 210 31.33 22.18 -24.93
CA GLY G 210 31.99 23.48 -24.89
C GLY G 210 32.09 24.13 -26.26
N LYS G 211 32.60 23.38 -27.26
CA LYS G 211 32.79 23.94 -28.59
C LYS G 211 31.43 24.20 -29.27
N LEU G 212 30.43 23.36 -29.05
CA LEU G 212 29.11 23.64 -29.60
C LEU G 212 28.56 24.93 -29.02
N ALA G 213 28.62 25.08 -27.71
CA ALA G 213 28.22 26.34 -27.08
C ALA G 213 29.07 27.50 -27.57
N SER G 214 30.37 27.31 -27.79
CA SER G 214 31.16 28.42 -28.31
C SER G 214 30.54 28.94 -29.62
N LEU G 215 30.15 28.04 -30.51
CA LEU G 215 29.52 28.39 -31.78
C LEU G 215 28.19 29.09 -31.59
N CYS G 216 27.33 28.56 -30.72
CA CYS G 216 26.06 29.24 -30.45
C CYS G 216 26.30 30.68 -30.00
N SER G 217 27.20 30.88 -29.07
CA SER G 217 27.58 32.27 -28.67
C SER G 217 28.11 33.12 -29.84
N GLN G 218 28.89 32.55 -30.73
CA GLN G 218 29.38 33.28 -31.91
C GLN G 218 28.23 33.73 -32.81
N HIS G 219 27.22 32.88 -33.01
CA HIS G 219 26.05 33.30 -33.77
C HIS G 219 25.26 34.38 -33.05
N VAL G 220 25.11 34.27 -31.72
CA VAL G 220 24.35 35.30 -30.98
C VAL G 220 25.06 36.65 -31.19
N GLU G 221 26.36 36.65 -30.99
CA GLU G 221 27.17 37.84 -31.21
C GLU G 221 27.10 38.36 -32.65
N ARG G 222 27.09 37.45 -33.62
CA ARG G 222 27.04 37.84 -35.03
C ARG G 222 25.85 38.73 -35.29
N LEU G 223 24.69 38.35 -34.77
CA LEU G 223 23.47 39.14 -35.00
C LEU G 223 23.49 40.52 -34.35
N GLN G 224 24.10 40.65 -33.17
CA GLN G 224 24.18 41.94 -32.51
C GLN G 224 25.17 42.88 -33.26
N ILE G 225 26.26 42.34 -33.81
CA ILE G 225 27.24 43.15 -34.52
C ILE G 225 26.63 43.70 -35.82
N PHE G 226 25.83 42.84 -36.49
CA PHE G 226 25.25 43.16 -37.80
C PHE G 226 23.80 43.62 -37.74
N GLN G 227 23.29 44.01 -36.58
CA GLN G 227 21.86 44.34 -36.50
C GLN G 227 21.39 45.50 -37.39
N HIS G 228 22.28 46.47 -37.71
CA HIS G 228 21.84 47.61 -38.52
C HIS G 228 21.54 47.23 -39.99
N LEU G 229 22.16 46.15 -40.47
CA LEU G 229 21.94 45.59 -41.82
C LEU G 229 20.68 44.69 -41.97
N HIS G 230 20.00 44.44 -40.85
CA HIS G 230 18.78 43.65 -40.87
C HIS G 230 17.58 44.51 -40.44
N PRO G 231 16.38 43.96 -40.60
CA PRO G 231 15.16 44.68 -40.24
C PRO G 231 15.05 44.95 -38.75
N ILE G 232 14.47 46.09 -38.39
CA ILE G 232 14.31 46.47 -36.99
C ILE G 232 13.45 45.49 -36.21
N VAL G 233 13.88 45.18 -34.99
CA VAL G 233 13.19 44.26 -34.10
C VAL G 233 13.34 44.72 -32.65
N THR H 1 31.65 32.83 -25.59
CA THR H 1 32.39 33.54 -24.56
C THR H 1 33.18 34.72 -25.14
N ASN H 2 32.47 35.67 -25.74
CA ASN H 2 33.05 36.85 -26.33
C ASN H 2 32.35 38.12 -25.84
N MET H 3 32.70 39.26 -26.44
CA MET H 3 32.16 40.54 -26.01
C MET H 3 30.65 40.61 -26.12
N GLY H 4 30.09 40.05 -27.18
CA GLY H 4 28.66 40.08 -27.35
C GLY H 4 27.97 39.34 -26.21
N LEU H 5 28.52 38.19 -25.84
CA LEU H 5 27.96 37.40 -24.75
C LEU H 5 28.07 38.15 -23.44
N GLU H 6 29.20 38.83 -23.25
CA GLU H 6 29.44 39.58 -22.05
C GLU H 6 28.42 40.69 -21.91
N ALA H 7 28.09 41.36 -23.01
CA ALA H 7 27.13 42.43 -22.95
C ALA H 7 25.79 41.94 -22.37
N ILE H 8 25.32 40.81 -22.85
CA ILE H 8 24.08 40.22 -22.35
C ILE H 8 24.24 39.87 -20.87
N ILE H 9 25.42 39.35 -20.51
CA ILE H 9 25.68 38.94 -19.15
C ILE H 9 25.65 40.13 -18.21
N ARG H 10 26.35 41.22 -18.56
CA ARG H 10 26.42 42.40 -17.70
C ARG H 10 25.01 42.94 -17.36
N LYS H 11 24.18 43.06 -18.38
CA LYS H 11 22.80 43.53 -18.22
C LYS H 11 22.03 42.58 -17.30
N ALA H 12 22.22 41.29 -17.51
CA ALA H 12 21.53 40.29 -16.73
C ALA H 12 21.92 40.32 -15.24
N LEU H 13 23.20 40.58 -14.94
CA LEU H 13 23.68 40.62 -13.56
C LEU H 13 23.12 41.78 -12.76
N MET H 14 23.07 42.96 -13.36
CA MET H 14 22.44 44.15 -12.78
C MET H 14 20.95 44.13 -13.13
N GLY H 15 20.17 43.30 -12.43
CA GLY H 15 18.70 43.39 -12.44
C GLY H 15 18.08 43.01 -13.76
C3 9P6 I . -30.66 -0.74 6.72
C4 9P6 I . -29.89 -0.83 7.87
C5 9P6 I . -30.79 -0.87 8.93
C6 9P6 I . -28.39 -0.87 7.88
N1 9P6 I . -32.02 -0.81 8.33
N2 9P6 I . -31.95 -0.72 6.98
C8 9P6 I . -26.34 -0.89 7.03
C9 9P6 I . -26.03 -0.95 8.37
C11 9P6 I . -33.35 -0.82 8.95
C12 9P6 I . -33.56 -2.14 9.71
C13 9P6 I . -33.50 0.38 9.91
C14 9P6 I . -30.57 -0.98 10.36
C15 9P6 I . -30.32 -2.23 10.93
O25 9P6 I . -23.35 -0.02 6.90
C23 9P6 I . -23.94 -0.94 6.35
N24 9P6 I . -23.33 -2.15 6.08
C26 9P6 I . -22.04 -2.46 6.64
C27 9P6 I . -22.23 -3.22 7.96
C32 9P6 I . -23.34 -4.26 7.82
C31 9P6 I . -23.43 -5.10 9.09
O30 9P6 I . -22.19 -5.72 9.34
C29 9P6 I . -21.16 -4.78 9.60
C28 9P6 I . -20.92 -3.90 8.37
C22 9P6 I . -25.38 -0.84 5.89
N7 9P6 I . -27.69 -0.83 6.77
S10 9P6 I . -27.45 -0.97 9.30
C33 9P6 I . -34.49 -0.72 7.90
C19 9P6 I . -30.64 0.14 11.20
C18 9P6 I . -30.45 0.01 12.58
C17 9P6 I . -30.19 -1.25 13.14
O20 9P6 I . -30.02 -1.27 14.49
C21 9P6 I . -29.43 -0.12 15.08
C16 9P6 I . -30.11 -2.37 12.31
C3 9P6 J . 2.90 -15.27 34.50
C4 9P6 J . 1.84 -14.85 33.71
C5 9P6 J . 1.31 -13.75 34.39
C6 9P6 J . 1.42 -15.50 32.43
N1 9P6 J . 2.09 -13.60 35.52
N2 9P6 J . 3.07 -14.53 35.59
C8 9P6 J . 1.57 -16.98 30.75
C9 9P6 J . 0.44 -16.29 30.36
C11 9P6 J . 2.01 -12.62 36.62
C12 9P6 J . 2.20 -11.19 36.10
C13 9P6 J . 0.67 -12.75 37.35
C14 9P6 J . 0.19 -12.90 34.02
C15 9P6 J . 0.37 -11.89 33.08
O25 9P6 J . 0.80 -19.28 28.52
C23 9P6 J . 1.65 -18.42 28.70
N24 9P6 J . 2.15 -17.65 27.68
C26 9P6 J . 1.60 -17.73 26.34
C27 9P6 J . 1.97 -16.50 25.49
C32 9P6 J . 1.16 -16.47 24.19
C31 9P6 J . 1.38 -15.16 23.44
O30 9P6 J . 1.07 -14.04 24.27
C29 9P6 J . 1.91 -13.99 25.41
C28 9P6 J . 1.71 -15.22 26.29
C22 9P6 J . 2.23 -18.13 30.07
N7 9P6 J . 2.11 -16.51 31.94
S10 9P6 J . 0.07 -15.06 31.47
C33 9P6 J . 3.11 -12.84 37.69
C19 9P6 J . -1.08 -13.08 34.58
C18 9P6 J . -2.13 -12.25 34.20
C17 9P6 J . -1.94 -11.24 33.26
O20 9P6 J . -3.04 -10.49 32.97
C21 9P6 J . -4.24 -11.20 32.72
C16 9P6 J . -0.68 -11.05 32.70
C3 9P6 K . 8.42 -12.99 -11.94
C4 9P6 K . 8.97 -12.05 -12.81
C5 9P6 K . 8.83 -12.59 -14.08
C6 9P6 K . 9.52 -10.74 -12.39
N1 9P6 K . 8.24 -13.82 -13.88
N2 9P6 K . 7.98 -14.07 -12.58
C8 9P6 K . 10.05 -9.13 -10.95
C9 9P6 K . 10.51 -8.56 -12.11
C11 9P6 K . 7.86 -14.84 -14.88
C12 9P6 K . 6.40 -14.69 -15.27
C13 9P6 K . 8.77 -14.78 -16.12
C14 9P6 K . 9.22 -12.06 -15.37
C15 9P6 K . 8.32 -11.29 -16.11
O25 9P6 K . 11.48 -6.63 -9.88
C23 9P6 K . 10.38 -7.08 -9.61
N24 9P6 K . 9.31 -6.29 -9.31
C26 9P6 K . 9.41 -4.85 -9.43
C27 9P6 K . 9.34 -4.42 -10.89
C32 9P6 K . 8.10 -4.99 -11.57
C31 9P6 K . 7.95 -4.43 -12.98
O30 9P6 K . 7.90 -3.01 -12.93
C29 9P6 K . 9.10 -2.45 -12.42
C28 9P6 K . 9.34 -2.89 -10.99
C22 9P6 K . 10.10 -8.57 -9.57
N7 9P6 K . 9.48 -10.39 -11.12
S10 9P6 K . 10.23 -9.59 -13.42
C33 9P6 K . 7.99 -16.28 -14.30
C19 9P6 K . 10.48 -12.33 -15.91
C18 9P6 K . 10.83 -11.82 -17.16
C17 9P6 K . 9.92 -11.05 -17.88
O20 9P6 K . 10.38 -10.61 -19.10
C21 9P6 K . 11.72 -10.16 -19.13
C16 9P6 K . 8.66 -10.79 -17.35
C3 9P6 L . 17.37 28.04 -30.02
C4 9P6 L . 17.03 26.79 -29.53
C5 9P6 L . 17.97 25.92 -30.04
C6 9P6 L . 15.85 26.50 -28.65
N1 9P6 L . 18.82 26.70 -30.80
N2 9P6 L . 18.45 28.00 -30.78
C8 9P6 L . 14.14 26.98 -27.33
C9 9P6 L . 14.08 25.61 -27.28
C11 9P6 L . 20.01 26.32 -31.57
C12 9P6 L . 19.88 24.87 -32.05
C13 9P6 L . 20.23 27.26 -32.76
C14 9P6 L . 18.07 24.48 -29.84
C15 9P6 L . 18.87 23.96 -28.84
O25 9P6 L . 11.18 26.90 -25.98
C23 9P6 L . 12.34 27.21 -25.68
N24 9P6 L . 12.90 26.89 -24.47
C26 9P6 L . 12.26 25.96 -23.54
C27 9P6 L . 13.29 25.29 -22.63
C32 9P6 L . 14.11 26.31 -21.84
C31 9P6 L . 15.00 25.61 -20.83
O30 9P6 L . 14.23 24.80 -19.96
C29 9P6 L . 13.58 23.76 -20.67
C28 9P6 L . 12.59 24.33 -21.68
C22 9P6 L . 13.24 27.94 -26.63
N7 9P6 L . 15.17 27.48 -28.11
S10 9P6 L . 15.31 24.94 -28.23
C33 9P6 L . 21.28 26.40 -30.69
C19 9P6 L . 17.33 23.61 -30.64
C18 9P6 L . 17.41 22.23 -30.44
C17 9P6 L . 18.23 21.72 -29.44
O20 9P6 L . 18.22 20.36 -29.35
C21 9P6 L . 18.62 19.64 -30.50
C16 9P6 L . 18.96 22.58 -28.64
#